data_7AQF
#
_entry.id   7AQF
#
_cell.length_a   135.296
_cell.length_b   64.322
_cell.length_c   106.644
_cell.angle_alpha   90.000
_cell.angle_beta   116.960
_cell.angle_gamma   90.000
#
_symmetry.space_group_name_H-M   'C 1 2 1'
#
loop_
_entity.id
_entity.type
_entity.pdbx_description
1 polymer 'Plasminogen activator inhibitor 1'
2 non-polymer '5-Chloro-2-[[2-[3-(furan-3-yl)anilino]-2-oxoacetyl]amino]benzoic acid'
3 water water
#
_entity_poly.entity_id   1
_entity_poly.type   'polypeptide(L)'
_entity_poly.pdbx_seq_one_letter_code
;VHHPPSYVAHLASDFGVRVFQQVAQASKDRNVVFSPYGVASVLAMLQLTTGGETQQQIQAAMGFKIDDKGMAPALRHLYK
ELMGPWNKDEISTTDAIFVQRDLKLVQGFMPHFFRLFRSTVKQVDFSEVERARFIINDWVKTHTKGMISHLLGTGAVDQL
TRLVLVNALYFNGQWKTPFPDSSTHRRLFHKSDGSTVSVPMMAQTNKFNYTEFTTPDGHYYDILELPYHGDTLSMFIAAP
YEKEVPLSALTNILSAQLISHWKGNMTRLPRLLVLPKFSLETEVDLRKPLENLGMTDMFRPFQADFTSLSDQEPLHVALA
LQKVKIEVNESGTVASSSTAVIVSARMAPEEIIIDRPFLFVVRHNPTGTVLFMGQVMEP
;
_entity_poly.pdbx_strand_id   A,B
#
loop_
_chem_comp.id
_chem_comp.type
_chem_comp.name
_chem_comp.formula
RV2 non-polymer '5-Chloro-2-[[2-[3-(furan-3-yl)anilino]-2-oxoacetyl]amino]benzoic acid' 'C19 H13 Cl N2 O5'
#
# COMPACT_ATOMS: atom_id res chain seq x y z
N HIS A 2 -36.34 -13.57 13.89
CA HIS A 2 -35.30 -14.08 14.78
C HIS A 2 -34.11 -14.67 14.02
N HIS A 3 -32.96 -14.62 14.68
CA HIS A 3 -31.76 -15.29 14.20
C HIS A 3 -32.01 -16.81 14.13
N PRO A 4 -31.42 -17.50 13.17
CA PRO A 4 -31.34 -18.98 13.25
C PRO A 4 -30.60 -19.39 14.51
N PRO A 5 -30.59 -20.67 14.86
CA PRO A 5 -30.13 -21.08 16.19
C PRO A 5 -28.61 -21.06 16.40
N SER A 6 -27.80 -20.65 15.43
CA SER A 6 -26.35 -20.76 15.60
C SER A 6 -25.84 -19.59 16.45
N TYR A 7 -25.50 -19.90 17.70
CA TYR A 7 -25.01 -18.90 18.63
C TYR A 7 -23.68 -18.30 18.16
N VAL A 8 -22.72 -19.13 17.72
CA VAL A 8 -21.43 -18.56 17.33
C VAL A 8 -21.55 -17.71 16.08
N ALA A 9 -22.45 -18.09 15.16
CA ALA A 9 -22.69 -17.23 14.01
C ALA A 9 -23.23 -15.87 14.43
N HIS A 10 -24.15 -15.83 15.41
CA HIS A 10 -24.62 -14.55 15.90
C HIS A 10 -23.48 -13.75 16.54
N LEU A 11 -22.68 -14.40 17.38
CA LEU A 11 -21.57 -13.71 18.03
C LEU A 11 -20.62 -13.12 16.99
N ALA A 12 -20.17 -13.95 16.06
CA ALA A 12 -19.23 -13.48 15.02
C ALA A 12 -19.85 -12.36 14.21
N SER A 13 -21.10 -12.53 13.77
CA SER A 13 -21.73 -11.52 12.94
C SER A 13 -21.95 -10.21 13.69
N ASP A 14 -22.43 -10.27 14.94
CA ASP A 14 -22.70 -9.05 15.67
C ASP A 14 -21.44 -8.23 15.85
N PHE A 15 -20.36 -8.90 16.26
CA PHE A 15 -19.08 -8.22 16.41
C PHE A 15 -18.59 -7.68 15.06
N GLY A 16 -18.64 -8.49 14.02
CA GLY A 16 -18.13 -8.04 12.73
C GLY A 16 -18.90 -6.86 12.17
N VAL A 17 -20.22 -6.85 12.38
CA VAL A 17 -21.02 -5.73 11.91
C VAL A 17 -20.68 -4.45 12.66
N ARG A 18 -20.40 -4.56 13.97
CA ARG A 18 -19.99 -3.38 14.72
C ARG A 18 -18.64 -2.86 14.21
N VAL A 19 -17.73 -3.77 13.83
CA VAL A 19 -16.48 -3.31 13.21
C VAL A 19 -16.78 -2.60 11.90
N PHE A 20 -17.65 -3.19 11.06
CA PHE A 20 -17.97 -2.54 9.79
C PHE A 20 -18.49 -1.14 10.01
N GLN A 21 -19.38 -0.97 11.02
CA GLN A 21 -19.94 0.35 11.26
C GLN A 21 -18.85 1.37 11.52
N GLN A 22 -17.79 0.98 12.24
CA GLN A 22 -16.70 1.92 12.48
C GLN A 22 -15.99 2.26 11.17
N VAL A 23 -15.80 1.28 10.30
CA VAL A 23 -15.17 1.53 9.02
C VAL A 23 -16.02 2.46 8.17
N ALA A 24 -17.32 2.16 8.07
CA ALA A 24 -18.21 2.98 7.24
C ALA A 24 -18.29 4.41 7.77
N GLN A 25 -18.31 4.59 9.10
CA GLN A 25 -18.39 5.93 9.67
C GLN A 25 -17.16 6.77 9.34
N ALA A 26 -15.99 6.14 9.28
CA ALA A 26 -14.78 6.85 8.88
C ALA A 26 -14.60 6.92 7.37
N SER A 27 -15.59 6.48 6.58
CA SER A 27 -15.49 6.45 5.12
C SER A 27 -16.79 6.97 4.51
N LYS A 28 -17.21 8.17 4.93
CA LYS A 28 -18.61 8.57 4.84
C LYS A 28 -19.18 8.38 3.44
N ASP A 29 -18.50 8.87 2.42
CA ASP A 29 -19.02 8.88 1.05
C ASP A 29 -18.11 8.14 0.07
N ARG A 30 -17.45 7.07 0.51
CA ARG A 30 -16.67 6.26 -0.40
C ARG A 30 -17.08 4.80 -0.25
N ASN A 31 -16.97 4.04 -1.36
CA ASN A 31 -17.22 2.60 -1.37
C ASN A 31 -16.39 1.87 -0.30
N VAL A 32 -17.04 0.89 0.33
CA VAL A 32 -16.41 -0.01 1.30
C VAL A 32 -17.00 -1.39 1.10
N VAL A 33 -16.12 -2.40 1.03
CA VAL A 33 -16.57 -3.79 1.18
C VAL A 33 -15.78 -4.40 2.34
N PHE A 34 -16.44 -5.27 3.09
CA PHE A 34 -15.92 -5.72 4.36
C PHE A 34 -16.49 -7.11 4.67
N SER A 35 -15.78 -7.85 5.52
CA SER A 35 -16.29 -9.16 5.94
C SER A 35 -16.44 -9.20 7.46
N PRO A 36 -17.66 -9.11 7.97
CA PRO A 36 -17.88 -9.29 9.42
C PRO A 36 -17.39 -10.64 9.92
N TYR A 37 -17.74 -11.71 9.21
CA TYR A 37 -17.31 -13.03 9.63
C TYR A 37 -15.78 -13.12 9.66
N GLY A 38 -15.12 -12.57 8.61
CA GLY A 38 -13.67 -12.66 8.54
C GLY A 38 -12.96 -11.99 9.71
N VAL A 39 -13.37 -10.76 10.04
CA VAL A 39 -12.71 -10.07 11.14
C VAL A 39 -12.96 -10.79 12.46
N ALA A 40 -14.18 -11.31 12.67
CA ALA A 40 -14.45 -12.06 13.90
C ALA A 40 -13.60 -13.32 13.97
N SER A 41 -13.41 -13.98 12.83
CA SER A 41 -12.67 -15.24 12.83
C SER A 41 -11.20 -15.01 13.19
N VAL A 42 -10.57 -14.03 12.58
CA VAL A 42 -9.14 -13.85 12.87
C VAL A 42 -8.93 -13.25 14.27
N LEU A 43 -9.86 -12.44 14.77
CA LEU A 43 -9.68 -11.95 16.14
C LEU A 43 -9.99 -13.04 17.16
N ALA A 44 -10.88 -13.99 16.85
CA ALA A 44 -11.05 -15.14 17.73
C ALA A 44 -9.74 -15.93 17.86
N MET A 45 -9.03 -16.10 16.75
CA MET A 45 -7.72 -16.74 16.78
C MET A 45 -6.73 -15.93 17.60
N LEU A 46 -6.70 -14.62 17.36
CA LEU A 46 -5.79 -13.78 18.13
C LEU A 46 -6.07 -13.85 19.64
N GLN A 47 -7.33 -14.07 20.05
CA GLN A 47 -7.60 -14.18 21.48
C GLN A 47 -6.64 -15.14 22.17
N LEU A 48 -6.32 -16.25 21.52
CA LEU A 48 -5.51 -17.28 22.18
C LEU A 48 -4.09 -16.79 22.49
N THR A 49 -3.60 -15.79 21.77
CA THR A 49 -2.25 -15.26 22.02
C THR A 49 -2.20 -14.24 23.15
N THR A 50 -3.33 -13.73 23.61
CA THR A 50 -3.35 -12.57 24.50
C THR A 50 -3.43 -12.97 25.96
N GLY A 51 -3.22 -11.97 26.82
CA GLY A 51 -3.35 -12.11 28.25
C GLY A 51 -3.70 -10.76 28.87
N GLY A 52 -3.93 -10.78 30.18
CA GLY A 52 -4.12 -9.53 30.92
C GLY A 52 -5.23 -8.68 30.36
N GLU A 53 -5.00 -7.38 30.33
CA GLU A 53 -6.04 -6.45 29.89
C GLU A 53 -6.23 -6.48 28.37
N THR A 54 -5.19 -6.84 27.62
CA THR A 54 -5.37 -7.00 26.17
C THR A 54 -6.43 -8.06 25.89
N GLN A 55 -6.32 -9.20 26.58
CA GLN A 55 -7.31 -10.26 26.45
C GLN A 55 -8.69 -9.78 26.91
N GLN A 56 -8.77 -9.07 28.04
CA GLN A 56 -10.07 -8.60 28.52
C GLN A 56 -10.74 -7.66 27.52
N GLN A 57 -9.97 -6.76 26.89
CA GLN A 57 -10.55 -5.86 25.90
C GLN A 57 -11.14 -6.61 24.70
N ILE A 58 -10.39 -7.58 24.17
CA ILE A 58 -10.90 -8.34 23.02
C ILE A 58 -12.13 -9.13 23.42
N GLN A 59 -12.05 -9.84 24.55
CA GLN A 59 -13.20 -10.66 24.98
C GLN A 59 -14.44 -9.80 25.23
N ALA A 60 -14.27 -8.63 25.85
CA ALA A 60 -15.41 -7.76 26.09
C ALA A 60 -16.05 -7.31 24.78
N ALA A 61 -15.23 -6.91 23.81
CA ALA A 61 -15.77 -6.41 22.55
C ALA A 61 -16.38 -7.53 21.71
N MET A 62 -15.78 -8.72 21.72
CA MET A 62 -16.34 -9.81 20.94
C MET A 62 -17.50 -10.52 21.63
N GLY A 63 -17.60 -10.40 22.95
CA GLY A 63 -18.70 -11.01 23.67
C GLY A 63 -18.55 -12.48 24.00
N PHE A 64 -17.38 -13.07 23.75
CA PHE A 64 -17.12 -14.45 24.15
C PHE A 64 -15.62 -14.66 24.35
N LYS A 65 -15.29 -15.80 24.93
CA LYS A 65 -13.93 -16.25 25.17
C LYS A 65 -13.67 -17.50 24.34
N ILE A 66 -12.60 -17.48 23.55
CA ILE A 66 -12.32 -18.57 22.62
C ILE A 66 -12.06 -19.88 23.36
N ASP A 67 -11.60 -19.79 24.60
CA ASP A 67 -11.24 -20.93 25.42
C ASP A 67 -12.45 -21.56 26.10
N ASP A 68 -13.63 -20.94 26.03
CA ASP A 68 -14.77 -21.49 26.74
C ASP A 68 -15.23 -22.78 26.07
N LYS A 69 -15.71 -23.70 26.91
CA LYS A 69 -16.14 -25.03 26.50
C LYS A 69 -16.98 -24.99 25.22
N GLY A 70 -16.52 -25.70 24.19
CA GLY A 70 -17.25 -25.86 22.94
C GLY A 70 -17.20 -24.69 21.98
N MET A 71 -16.63 -23.54 22.37
CA MET A 71 -16.60 -22.37 21.50
C MET A 71 -15.71 -22.59 20.28
N ALA A 72 -14.49 -23.08 20.48
CA ALA A 72 -13.66 -23.29 19.30
C ALA A 72 -14.24 -24.38 18.40
N PRO A 73 -14.72 -25.52 18.94
CA PRO A 73 -15.35 -26.51 18.06
C PRO A 73 -16.55 -25.97 17.31
N ALA A 74 -17.34 -25.08 17.94
CA ALA A 74 -18.48 -24.54 17.22
C ALA A 74 -18.03 -23.61 16.09
N LEU A 75 -16.93 -22.88 16.29
CA LEU A 75 -16.40 -22.05 15.23
C LEU A 75 -15.84 -22.90 14.10
N ARG A 76 -15.18 -24.00 14.45
CA ARG A 76 -14.69 -24.91 13.42
C ARG A 76 -15.86 -25.55 12.65
N HIS A 77 -16.96 -25.85 13.34
CA HIS A 77 -18.10 -26.41 12.63
C HIS A 77 -18.74 -25.37 11.72
N LEU A 78 -18.84 -24.12 12.18
CA LEU A 78 -19.37 -23.04 11.34
C LEU A 78 -18.52 -22.86 10.09
N TYR A 79 -17.19 -22.78 10.26
CA TYR A 79 -16.32 -22.69 9.10
C TYR A 79 -16.60 -23.78 8.09
N LYS A 80 -16.74 -25.01 8.57
CA LYS A 80 -17.00 -26.11 7.63
C LYS A 80 -18.34 -25.93 6.93
N GLU A 81 -19.38 -25.52 7.68
CA GLU A 81 -20.70 -25.33 7.07
C GLU A 81 -20.67 -24.22 6.02
N LEU A 82 -19.94 -23.14 6.30
CA LEU A 82 -19.84 -22.05 5.36
C LEU A 82 -18.98 -22.43 4.15
N MET A 83 -17.80 -22.99 4.40
CA MET A 83 -16.85 -23.16 3.29
C MET A 83 -16.86 -24.55 2.68
N GLY A 84 -17.41 -25.53 3.37
CA GLY A 84 -17.43 -26.90 2.88
C GLY A 84 -18.13 -27.10 1.55
N PRO A 85 -19.34 -26.57 1.41
CA PRO A 85 -20.12 -26.86 0.19
C PRO A 85 -19.37 -26.44 -1.07
N TRP A 86 -19.54 -27.23 -2.13
CA TRP A 86 -18.92 -26.89 -3.40
C TRP A 86 -19.48 -25.57 -3.91
N ASN A 87 -18.62 -24.83 -4.61
CA ASN A 87 -19.00 -23.60 -5.28
C ASN A 87 -18.13 -23.45 -6.53
N LYS A 88 -18.57 -22.61 -7.46
CA LYS A 88 -17.88 -22.50 -8.75
C LYS A 88 -16.75 -21.47 -8.65
N ASP A 89 -15.81 -21.77 -7.75
CA ASP A 89 -14.76 -20.82 -7.41
C ASP A 89 -15.35 -19.44 -7.11
N GLU A 90 -16.47 -19.44 -6.39
CA GLU A 90 -17.21 -18.21 -6.07
C GLU A 90 -16.76 -17.54 -4.79
N ILE A 91 -16.08 -18.26 -3.89
CA ILE A 91 -15.69 -17.67 -2.61
C ILE A 91 -14.36 -18.27 -2.15
N SER A 92 -13.50 -17.43 -1.59
CA SER A 92 -12.24 -17.89 -1.03
C SER A 92 -11.96 -17.03 0.19
N THR A 93 -11.40 -17.63 1.24
CA THR A 93 -11.04 -16.88 2.43
C THR A 93 -9.72 -17.40 2.97
N THR A 94 -9.02 -16.54 3.73
CA THR A 94 -7.87 -17.04 4.48
C THR A 94 -7.58 -16.09 5.63
N ASP A 95 -7.08 -16.65 6.72
CA ASP A 95 -6.64 -15.93 7.91
C ASP A 95 -5.18 -16.28 8.14
N ALA A 96 -4.38 -15.34 8.67
CA ALA A 96 -3.04 -15.73 9.03
C ALA A 96 -2.53 -14.81 10.13
N ILE A 97 -1.83 -15.40 11.11
CA ILE A 97 -1.10 -14.65 12.12
C ILE A 97 0.38 -14.97 11.93
N PHE A 98 1.19 -13.94 11.70
CA PHE A 98 2.62 -14.09 11.46
C PHE A 98 3.38 -13.55 12.65
N VAL A 99 4.37 -14.29 13.12
CA VAL A 99 5.12 -13.86 14.30
C VAL A 99 6.61 -14.03 14.01
N GLN A 100 7.41 -13.12 14.56
CA GLN A 100 8.87 -13.18 14.37
C GLN A 100 9.42 -14.56 14.72
N ARG A 101 10.22 -15.11 13.79
CA ARG A 101 10.61 -16.52 13.80
C ARG A 101 11.45 -16.89 15.00
N ASP A 102 12.27 -15.97 15.51
CA ASP A 102 13.14 -16.33 16.60
C ASP A 102 12.62 -15.83 17.95
N LEU A 103 11.33 -15.49 18.02
CA LEU A 103 10.74 -15.22 19.33
C LEU A 103 10.54 -16.52 20.08
N LYS A 104 10.91 -16.54 21.35
CA LYS A 104 10.71 -17.74 22.17
C LYS A 104 9.23 -17.85 22.52
N LEU A 105 8.59 -18.92 22.04
CA LEU A 105 7.16 -19.08 22.25
C LEU A 105 6.89 -19.88 23.52
N VAL A 106 5.77 -19.57 24.16
CA VAL A 106 5.37 -20.32 25.35
C VAL A 106 5.22 -21.81 25.00
N GLN A 107 5.78 -22.66 25.85
CA GLN A 107 5.69 -24.10 25.60
C GLN A 107 4.23 -24.53 25.54
N GLY A 108 3.88 -25.27 24.50
CA GLY A 108 2.53 -25.76 24.31
C GLY A 108 1.60 -24.83 23.55
N PHE A 109 1.99 -23.57 23.33
CA PHE A 109 1.09 -22.67 22.61
C PHE A 109 0.80 -23.19 21.22
N MET A 110 1.86 -23.49 20.43
CA MET A 110 1.62 -23.81 19.02
C MET A 110 0.74 -25.05 18.87
N PRO A 111 0.96 -26.15 19.60
CA PRO A 111 0.05 -27.30 19.48
C PRO A 111 -1.36 -26.98 19.93
N HIS A 112 -1.50 -26.12 20.94
CA HIS A 112 -2.81 -25.76 21.45
C HIS A 112 -3.58 -24.92 20.43
N PHE A 113 -2.90 -23.95 19.81
CA PHE A 113 -3.53 -23.21 18.72
C PHE A 113 -4.01 -24.16 17.62
N PHE A 114 -3.17 -25.10 17.22
CA PHE A 114 -3.56 -26.00 16.12
C PHE A 114 -4.73 -26.90 16.56
N ARG A 115 -4.72 -27.34 17.80
CA ARG A 115 -5.82 -28.17 18.28
C ARG A 115 -7.15 -27.44 18.19
N LEU A 116 -7.18 -26.16 18.55
CA LEU A 116 -8.44 -25.41 18.52
C LEU A 116 -8.86 -25.00 17.12
N PHE A 117 -7.90 -24.63 16.26
CA PHE A 117 -8.22 -24.00 14.98
C PHE A 117 -7.85 -24.83 13.77
N ARG A 118 -7.10 -25.91 13.94
CA ARG A 118 -6.68 -26.74 12.82
C ARG A 118 -5.89 -25.94 11.79
N SER A 119 -5.17 -24.92 12.26
CA SER A 119 -4.25 -24.15 11.44
C SER A 119 -3.14 -23.67 12.35
N THR A 120 -2.10 -23.08 11.76
CA THR A 120 -0.90 -22.73 12.51
C THR A 120 -0.65 -21.23 12.52
N VAL A 121 -0.07 -20.76 13.62
CA VAL A 121 0.61 -19.46 13.60
C VAL A 121 1.89 -19.61 12.79
N LYS A 122 2.26 -18.58 12.04
CA LYS A 122 3.27 -18.72 11.01
C LYS A 122 4.50 -17.92 11.39
N GLN A 123 5.63 -18.61 11.53
CA GLN A 123 6.86 -17.96 11.92
C GLN A 123 7.58 -17.40 10.68
N VAL A 124 8.01 -16.14 10.78
CA VAL A 124 8.61 -15.41 9.67
C VAL A 124 9.75 -14.57 10.22
N ASP A 125 10.87 -14.52 9.48
CA ASP A 125 11.97 -13.68 9.92
C ASP A 125 11.80 -12.31 9.32
N PHE A 126 11.34 -11.35 10.13
CA PHE A 126 11.09 -10.01 9.60
C PHE A 126 12.38 -9.22 9.36
N SER A 127 13.53 -9.68 9.87
CA SER A 127 14.77 -8.97 9.51
C SER A 127 15.08 -9.15 8.02
N GLU A 128 14.56 -10.19 7.37
CA GLU A 128 14.67 -10.30 5.91
C GLU A 128 13.42 -9.67 5.33
N VAL A 129 13.45 -8.35 5.22
CA VAL A 129 12.23 -7.57 5.01
C VAL A 129 11.53 -7.98 3.73
N GLU A 130 12.27 -8.03 2.61
CA GLU A 130 11.61 -8.35 1.35
C GLU A 130 11.07 -9.77 1.34
N ARG A 131 11.80 -10.69 1.96
CA ARG A 131 11.31 -12.06 2.00
C ARG A 131 10.05 -12.16 2.86
N ALA A 132 10.02 -11.43 3.99
CA ALA A 132 8.83 -11.45 4.86
C ALA A 132 7.62 -10.87 4.13
N ARG A 133 7.81 -9.75 3.44
CA ARG A 133 6.73 -9.18 2.65
C ARG A 133 6.25 -10.17 1.61
N PHE A 134 7.18 -10.86 0.95
CA PHE A 134 6.81 -11.81 -0.10
C PHE A 134 6.03 -12.97 0.48
N ILE A 135 6.47 -13.48 1.65
CA ILE A 135 5.80 -14.61 2.28
C ILE A 135 4.35 -14.27 2.60
N ILE A 136 4.13 -13.09 3.20
CA ILE A 136 2.76 -12.69 3.55
C ILE A 136 1.89 -12.56 2.31
N ASN A 137 2.39 -11.84 1.30
CA ASN A 137 1.62 -11.69 0.08
C ASN A 137 1.39 -13.02 -0.61
N ASP A 138 2.40 -13.90 -0.60
CA ASP A 138 2.24 -15.18 -1.28
C ASP A 138 1.27 -16.07 -0.55
N TRP A 139 1.20 -15.97 0.77
CA TRP A 139 0.19 -16.73 1.50
C TRP A 139 -1.20 -16.34 1.03
N VAL A 140 -1.45 -15.04 0.93
CA VAL A 140 -2.77 -14.57 0.55
C VAL A 140 -3.07 -14.97 -0.89
N LYS A 141 -2.07 -14.85 -1.77
CA LYS A 141 -2.28 -15.24 -3.17
C LYS A 141 -2.59 -16.73 -3.29
N THR A 142 -1.83 -17.58 -2.59
CA THR A 142 -2.06 -19.01 -2.75
C THR A 142 -3.32 -19.52 -2.04
N HIS A 143 -3.89 -18.80 -1.06
CA HIS A 143 -5.11 -19.25 -0.39
C HIS A 143 -6.37 -18.50 -0.81
N THR A 144 -6.29 -17.58 -1.78
CA THR A 144 -7.47 -17.01 -2.42
C THR A 144 -7.56 -17.39 -3.89
N LYS A 145 -6.91 -18.48 -4.28
CA LYS A 145 -6.88 -18.92 -5.69
C LYS A 145 -6.37 -17.81 -6.59
N GLY A 146 -5.46 -17.00 -6.08
CA GLY A 146 -4.88 -15.93 -6.86
C GLY A 146 -5.74 -14.70 -7.02
N MET A 147 -6.93 -14.63 -6.40
CA MET A 147 -7.79 -13.48 -6.67
C MET A 147 -7.34 -12.24 -5.89
N ILE A 148 -6.67 -12.45 -4.76
CA ILE A 148 -6.02 -11.37 -4.02
C ILE A 148 -4.56 -11.76 -3.91
N SER A 149 -3.68 -10.95 -4.52
CA SER A 149 -2.26 -11.32 -4.62
C SER A 149 -1.33 -10.36 -3.90
N HIS A 150 -1.83 -9.24 -3.38
CA HIS A 150 -0.99 -8.24 -2.74
C HIS A 150 -1.80 -7.48 -1.69
N LEU A 151 -1.22 -7.28 -0.52
CA LEU A 151 -1.72 -6.34 0.46
C LEU A 151 -0.82 -5.12 0.45
N LEU A 152 -1.41 -3.95 0.20
CA LEU A 152 -0.63 -2.71 0.23
C LEU A 152 -0.10 -2.42 1.63
N GLY A 153 -0.79 -2.91 2.66
CA GLY A 153 -0.32 -2.75 4.02
C GLY A 153 1.01 -3.45 4.28
N THR A 154 1.38 -4.44 3.47
CA THR A 154 2.68 -5.07 3.67
C THR A 154 3.82 -4.09 3.37
N GLY A 155 3.51 -2.96 2.72
CA GLY A 155 4.52 -1.93 2.58
C GLY A 155 4.97 -1.32 3.90
N ALA A 156 4.21 -1.56 4.97
CA ALA A 156 4.64 -1.13 6.30
C ALA A 156 5.46 -2.19 7.05
N VAL A 157 5.63 -3.40 6.48
CA VAL A 157 6.40 -4.43 7.17
C VAL A 157 7.89 -4.08 7.08
N ASP A 158 8.56 -4.04 8.22
CA ASP A 158 9.99 -3.71 8.20
C ASP A 158 10.72 -4.59 9.22
N GLN A 159 12.02 -4.31 9.42
CA GLN A 159 12.82 -5.15 10.31
C GLN A 159 12.37 -5.12 11.76
N LEU A 160 11.54 -4.16 12.17
CA LEU A 160 11.09 -4.11 13.55
C LEU A 160 9.74 -4.80 13.77
N THR A 161 9.08 -5.19 12.69
CA THR A 161 7.82 -5.90 12.81
C THR A 161 8.00 -7.21 13.55
N ARG A 162 7.08 -7.52 14.47
CA ARG A 162 7.13 -8.79 15.17
C ARG A 162 5.84 -9.59 15.12
N LEU A 163 4.71 -8.98 14.81
CA LEU A 163 3.43 -9.67 14.90
C LEU A 163 2.47 -9.01 13.92
N VAL A 164 1.93 -9.79 12.98
CA VAL A 164 1.07 -9.31 11.91
C VAL A 164 -0.14 -10.20 11.83
N LEU A 165 -1.30 -9.62 11.58
CA LEU A 165 -2.47 -10.46 11.30
C LEU A 165 -3.15 -10.00 10.01
N VAL A 166 -3.60 -10.97 9.22
CA VAL A 166 -4.24 -10.66 7.95
C VAL A 166 -5.44 -11.56 7.72
N ASN A 167 -6.42 -11.02 7.02
CA ASN A 167 -7.61 -11.77 6.65
C ASN A 167 -7.94 -11.29 5.25
N ALA A 168 -8.14 -12.23 4.33
CA ALA A 168 -8.45 -11.82 2.95
C ALA A 168 -9.56 -12.72 2.41
N LEU A 169 -10.51 -12.12 1.70
CA LEU A 169 -11.64 -12.88 1.19
C LEU A 169 -12.01 -12.39 -0.20
N TYR A 170 -12.44 -13.32 -1.06
CA TYR A 170 -12.89 -13.02 -2.41
C TYR A 170 -14.30 -13.59 -2.56
N PHE A 171 -15.18 -12.84 -3.21
CA PHE A 171 -16.52 -13.38 -3.45
C PHE A 171 -17.09 -12.89 -4.77
N ASN A 172 -17.66 -13.83 -5.52
CA ASN A 172 -18.32 -13.53 -6.79
C ASN A 172 -19.32 -14.68 -6.99
N GLY A 173 -20.55 -14.49 -6.51
CA GLY A 173 -21.50 -15.58 -6.45
C GLY A 173 -22.41 -15.68 -7.68
N GLN A 174 -22.82 -16.92 -7.96
CA GLN A 174 -23.74 -17.22 -9.06
C GLN A 174 -25.17 -17.11 -8.55
N TRP A 175 -25.93 -16.20 -9.11
CA TRP A 175 -27.32 -16.01 -8.69
C TRP A 175 -28.15 -17.26 -8.95
N LYS A 176 -29.17 -17.46 -8.12
CA LYS A 176 -30.16 -18.52 -8.37
C LYS A 176 -30.88 -18.28 -9.68
N THR A 177 -31.26 -17.03 -9.94
CA THR A 177 -31.72 -16.65 -11.28
C THR A 177 -30.80 -15.59 -11.83
N PRO A 178 -29.89 -15.93 -12.73
CA PRO A 178 -28.99 -14.91 -13.30
C PRO A 178 -29.78 -13.79 -13.94
N PHE A 179 -29.19 -12.60 -13.94
CA PHE A 179 -29.73 -11.51 -14.72
C PHE A 179 -29.46 -11.78 -16.20
N PRO A 180 -30.43 -11.56 -17.09
CA PRO A 180 -30.15 -11.74 -18.52
C PRO A 180 -29.13 -10.72 -19.02
N ASP A 181 -28.05 -11.22 -19.63
CA ASP A 181 -27.06 -10.35 -20.25
C ASP A 181 -27.70 -9.29 -21.11
N SER A 182 -28.75 -9.65 -21.86
CA SER A 182 -29.32 -8.71 -22.82
C SER A 182 -29.96 -7.50 -22.16
N SER A 183 -30.36 -7.60 -20.88
CA SER A 183 -31.05 -6.50 -20.20
C SER A 183 -30.11 -5.51 -19.54
N THR A 184 -28.82 -5.81 -19.47
CA THR A 184 -27.89 -4.84 -18.92
C THR A 184 -27.82 -3.63 -19.83
N HIS A 185 -27.67 -2.47 -19.21
CA HIS A 185 -27.87 -1.21 -19.91
C HIS A 185 -27.28 -0.10 -19.07
N ARG A 186 -27.03 1.04 -19.70
CA ARG A 186 -26.50 2.19 -18.98
C ARG A 186 -27.64 3.03 -18.42
N ARG A 187 -27.46 3.51 -17.19
CA ARG A 187 -28.46 4.31 -16.50
C ARG A 187 -27.78 5.27 -15.55
N LEU A 188 -28.41 6.42 -15.33
CA LEU A 188 -27.86 7.41 -14.41
C LEU A 188 -27.92 6.90 -12.97
N PHE A 189 -26.81 7.09 -12.26
CA PHE A 189 -26.67 6.83 -10.83
C PHE A 189 -26.43 8.16 -10.13
N HIS A 190 -27.21 8.43 -9.10
CA HIS A 190 -27.17 9.70 -8.40
C HIS A 190 -26.29 9.55 -7.16
N LYS A 191 -25.21 10.32 -7.11
CA LYS A 191 -24.25 10.23 -6.03
C LYS A 191 -24.67 11.11 -4.87
N SER A 192 -24.03 10.90 -3.71
CA SER A 192 -24.50 11.56 -2.50
C SER A 192 -24.34 13.08 -2.58
N ASP A 193 -23.46 13.58 -3.43
CA ASP A 193 -23.28 15.02 -3.59
C ASP A 193 -24.23 15.64 -4.62
N GLY A 194 -25.15 14.87 -5.18
CA GLY A 194 -26.07 15.40 -6.16
C GLY A 194 -25.61 15.28 -7.60
N SER A 195 -24.34 14.98 -7.84
CA SER A 195 -23.88 14.73 -9.20
C SER A 195 -24.34 13.35 -9.66
N THR A 196 -24.32 13.13 -10.97
CA THR A 196 -24.74 11.87 -11.54
C THR A 196 -23.63 11.29 -12.39
N VAL A 197 -23.71 9.98 -12.63
CA VAL A 197 -22.77 9.29 -13.51
C VAL A 197 -23.52 8.14 -14.16
N SER A 198 -23.33 7.98 -15.46
CA SER A 198 -23.96 6.92 -16.20
C SER A 198 -23.20 5.62 -15.95
N VAL A 199 -23.90 4.57 -15.55
CA VAL A 199 -23.23 3.33 -15.17
C VAL A 199 -24.01 2.14 -15.69
N PRO A 200 -23.34 1.01 -15.87
CA PRO A 200 -24.04 -0.21 -16.31
C PRO A 200 -24.88 -0.78 -15.19
N MET A 201 -26.14 -1.07 -15.50
CA MET A 201 -27.06 -1.63 -14.53
C MET A 201 -27.72 -2.88 -15.11
N MET A 202 -27.83 -3.90 -14.29
CA MET A 202 -28.53 -5.10 -14.67
C MET A 202 -30.02 -4.96 -14.37
N ALA A 203 -30.83 -5.81 -14.99
CA ALA A 203 -32.27 -5.78 -14.76
C ALA A 203 -32.86 -7.16 -14.92
N GLN A 204 -33.83 -7.49 -14.06
CA GLN A 204 -34.61 -8.70 -14.29
C GLN A 204 -35.93 -8.55 -13.55
N THR A 205 -36.95 -9.16 -14.13
CA THR A 205 -38.26 -9.25 -13.50
C THR A 205 -38.37 -10.61 -12.83
N ASN A 206 -38.76 -10.61 -11.56
CA ASN A 206 -38.84 -11.87 -10.84
C ASN A 206 -39.78 -11.64 -9.66
N LYS A 207 -40.09 -12.70 -8.95
CA LYS A 207 -40.71 -12.58 -7.65
C LYS A 207 -39.56 -12.45 -6.65
N PHE A 208 -39.47 -11.30 -5.99
CA PHE A 208 -38.37 -11.01 -5.08
C PHE A 208 -38.89 -10.96 -3.65
N ASN A 209 -38.17 -11.59 -2.73
CA ASN A 209 -38.39 -11.30 -1.32
C ASN A 209 -38.10 -9.83 -1.04
N TYR A 210 -39.07 -9.15 -0.42
CA TYR A 210 -39.06 -7.70 -0.32
C TYR A 210 -39.72 -7.26 0.98
N THR A 211 -39.19 -6.19 1.57
CA THR A 211 -39.87 -5.60 2.72
C THR A 211 -39.49 -4.12 2.79
N GLU A 212 -40.34 -3.36 3.45
CA GLU A 212 -40.10 -1.94 3.69
C GLU A 212 -40.01 -1.72 5.19
N PHE A 213 -38.92 -1.09 5.65
CA PHE A 213 -38.73 -0.74 7.05
C PHE A 213 -38.67 0.77 7.18
N THR A 214 -38.67 1.26 8.42
CA THR A 214 -38.42 2.67 8.70
C THR A 214 -37.26 2.83 9.66
N THR A 215 -36.49 3.90 9.51
CA THR A 215 -35.47 4.23 10.50
C THR A 215 -36.13 4.86 11.71
N PRO A 216 -35.40 4.95 12.84
CA PRO A 216 -35.95 5.64 14.03
C PRO A 216 -36.42 7.05 13.76
N ASP A 217 -35.92 7.70 12.72
CA ASP A 217 -36.47 9.00 12.31
C ASP A 217 -37.62 8.87 11.33
N GLY A 218 -37.97 7.65 10.97
CA GLY A 218 -39.15 7.44 10.17
C GLY A 218 -38.94 7.52 8.68
N HIS A 219 -37.70 7.51 8.22
CA HIS A 219 -37.45 7.39 6.77
C HIS A 219 -37.68 5.97 6.32
N TYR A 220 -38.46 5.82 5.25
CA TYR A 220 -38.68 4.50 4.66
C TYR A 220 -37.43 4.03 3.91
N TYR A 221 -37.19 2.74 3.95
CA TYR A 221 -36.14 2.16 3.11
C TYR A 221 -36.58 0.80 2.61
N ASP A 222 -36.11 0.46 1.42
CA ASP A 222 -36.43 -0.82 0.78
C ASP A 222 -35.37 -1.85 1.13
N ILE A 223 -35.77 -3.10 1.34
CA ILE A 223 -34.81 -4.19 1.46
C ILE A 223 -35.24 -5.32 0.54
N LEU A 224 -34.34 -5.76 -0.32
CA LEU A 224 -34.61 -6.86 -1.24
C LEU A 224 -33.65 -8.00 -0.95
N GLU A 225 -34.10 -9.23 -1.10
CA GLU A 225 -33.23 -10.40 -1.01
C GLU A 225 -32.98 -10.95 -2.40
N LEU A 226 -31.72 -11.21 -2.72
CA LEU A 226 -31.32 -11.83 -3.99
C LEU A 226 -30.63 -13.15 -3.66
N PRO A 227 -31.29 -14.29 -3.86
CA PRO A 227 -30.66 -15.57 -3.53
C PRO A 227 -29.61 -16.02 -4.55
N TYR A 228 -28.57 -16.64 -4.01
CA TYR A 228 -27.54 -17.28 -4.81
C TYR A 228 -27.97 -18.72 -5.07
N HIS A 229 -27.26 -19.35 -6.02
CA HIS A 229 -27.72 -20.60 -6.60
C HIS A 229 -27.74 -21.71 -5.58
N GLY A 230 -26.82 -21.70 -4.63
CA GLY A 230 -26.83 -22.74 -3.62
C GLY A 230 -28.09 -22.75 -2.76
N ASP A 231 -28.96 -21.76 -2.91
CA ASP A 231 -30.14 -21.68 -2.06
C ASP A 231 -29.78 -21.39 -0.60
N THR A 232 -28.49 -21.28 -0.28
CA THR A 232 -28.11 -21.02 1.11
C THR A 232 -27.59 -19.61 1.35
N LEU A 233 -26.94 -18.98 0.39
CA LEU A 233 -26.49 -17.59 0.51
C LEU A 233 -27.48 -16.67 -0.20
N SER A 234 -27.57 -15.44 0.29
CA SER A 234 -28.32 -14.39 -0.41
C SER A 234 -27.58 -13.09 -0.22
N MET A 235 -27.82 -12.15 -1.13
CA MET A 235 -27.40 -10.77 -0.97
C MET A 235 -28.63 -9.95 -0.68
N PHE A 236 -28.59 -9.18 0.40
CA PHE A 236 -29.66 -8.24 0.73
C PHE A 236 -29.21 -6.89 0.25
N ILE A 237 -30.12 -6.15 -0.37
CA ILE A 237 -29.85 -4.81 -0.85
C ILE A 237 -30.77 -3.88 -0.10
N ALA A 238 -30.22 -2.82 0.48
CA ALA A 238 -31.00 -1.88 1.27
C ALA A 238 -30.70 -0.45 0.87
N ALA A 239 -31.73 0.35 0.67
CA ALA A 239 -31.51 1.76 0.34
C ALA A 239 -32.73 2.56 0.75
N PRO A 240 -32.54 3.79 1.21
CA PRO A 240 -33.68 4.64 1.53
C PRO A 240 -34.51 4.91 0.29
N TYR A 241 -35.81 5.08 0.51
CA TYR A 241 -36.72 5.37 -0.60
C TYR A 241 -36.43 6.73 -1.20
N GLU A 242 -36.24 7.74 -0.34
CA GLU A 242 -36.00 9.10 -0.79
C GLU A 242 -34.53 9.33 -1.13
N LYS A 243 -34.29 10.02 -2.25
CA LYS A 243 -32.93 10.35 -2.64
C LYS A 243 -32.25 11.27 -1.63
N GLU A 244 -33.03 12.08 -0.92
CA GLU A 244 -32.45 13.05 0.00
C GLU A 244 -31.97 12.43 1.32
N VAL A 245 -32.38 11.20 1.62
CA VAL A 245 -31.95 10.53 2.84
C VAL A 245 -30.58 9.90 2.61
N PRO A 246 -29.57 10.23 3.42
CA PRO A 246 -28.24 9.65 3.21
C PRO A 246 -28.17 8.20 3.68
N LEU A 247 -27.24 7.44 3.08
CA LEU A 247 -27.12 6.03 3.43
C LEU A 247 -26.72 5.83 4.89
N SER A 248 -26.06 6.82 5.50
CA SER A 248 -25.70 6.72 6.92
C SER A 248 -26.93 6.52 7.80
N ALA A 249 -28.12 6.91 7.33
CA ALA A 249 -29.33 6.69 8.11
C ALA A 249 -29.55 5.21 8.34
N LEU A 250 -29.12 4.37 7.39
CA LEU A 250 -29.19 2.92 7.51
C LEU A 250 -27.94 2.34 8.18
N THR A 251 -26.75 2.76 7.75
CA THR A 251 -25.56 2.15 8.33
C THR A 251 -25.49 2.41 9.83
N ASN A 252 -25.96 3.57 10.29
CA ASN A 252 -25.90 3.88 11.73
C ASN A 252 -26.78 2.97 12.58
N ILE A 253 -27.77 2.27 12.01
CA ILE A 253 -28.66 1.41 12.79
C ILE A 253 -28.46 -0.08 12.49
N LEU A 254 -27.49 -0.46 11.64
CA LEU A 254 -27.33 -1.86 11.28
C LEU A 254 -26.98 -2.71 12.50
N SER A 255 -27.49 -3.94 12.49
CA SER A 255 -27.04 -4.95 13.44
C SER A 255 -27.38 -6.30 12.84
N ALA A 256 -26.69 -7.34 13.33
CA ALA A 256 -27.05 -8.70 12.93
C ALA A 256 -28.53 -8.96 13.21
N GLN A 257 -29.04 -8.51 14.35
CA GLN A 257 -30.45 -8.71 14.69
C GLN A 257 -31.36 -8.04 13.67
N LEU A 258 -31.03 -6.81 13.26
CA LEU A 258 -31.90 -6.10 12.32
C LEU A 258 -31.97 -6.84 10.99
N ILE A 259 -30.84 -7.39 10.53
CA ILE A 259 -30.84 -8.11 9.27
C ILE A 259 -31.73 -9.35 9.35
N SER A 260 -31.75 -10.02 10.50
CA SER A 260 -32.64 -11.17 10.64
C SER A 260 -34.09 -10.74 10.60
N HIS A 261 -34.37 -9.54 11.12
CA HIS A 261 -35.74 -9.00 11.12
C HIS A 261 -36.17 -8.65 9.71
N TRP A 262 -35.27 -8.07 8.90
CA TRP A 262 -35.58 -7.86 7.49
C TRP A 262 -36.08 -9.15 6.86
N LYS A 263 -35.30 -10.23 7.03
CA LYS A 263 -35.61 -11.50 6.37
C LYS A 263 -36.93 -12.10 6.88
N GLY A 264 -37.18 -12.00 8.19
CA GLY A 264 -38.41 -12.52 8.75
C GLY A 264 -39.65 -11.81 8.25
N ASN A 265 -39.53 -10.54 7.86
CA ASN A 265 -40.69 -9.75 7.44
C ASN A 265 -40.89 -9.74 5.94
N MET A 266 -40.06 -10.44 5.18
CA MET A 266 -40.17 -10.37 3.73
C MET A 266 -41.29 -11.27 3.21
N THR A 267 -41.91 -10.82 2.13
CA THR A 267 -42.76 -11.65 1.28
C THR A 267 -42.32 -11.46 -0.16
N ARG A 268 -42.69 -12.43 -1.01
CA ARG A 268 -42.22 -12.45 -2.40
C ARG A 268 -43.21 -11.71 -3.28
N LEU A 269 -42.76 -10.65 -3.93
CA LEU A 269 -43.54 -9.76 -4.75
C LEU A 269 -42.97 -9.69 -6.16
N PRO A 270 -43.81 -9.67 -7.20
CA PRO A 270 -43.30 -9.53 -8.58
C PRO A 270 -42.88 -8.10 -8.88
N ARG A 271 -41.62 -7.94 -9.27
CA ARG A 271 -41.04 -6.62 -9.43
C ARG A 271 -39.98 -6.64 -10.53
N LEU A 272 -39.79 -5.50 -11.17
CA LEU A 272 -38.65 -5.29 -12.05
C LEU A 272 -37.55 -4.64 -11.22
N LEU A 273 -36.44 -5.35 -11.05
CA LEU A 273 -35.30 -4.87 -10.28
C LEU A 273 -34.24 -4.36 -11.25
N VAL A 274 -33.83 -3.11 -11.09
CA VAL A 274 -32.67 -2.55 -11.77
C VAL A 274 -31.58 -2.31 -10.73
N LEU A 275 -30.40 -2.90 -10.94
CA LEU A 275 -29.31 -2.88 -9.94
C LEU A 275 -27.98 -2.65 -10.64
N PRO A 276 -27.17 -1.70 -10.17
CA PRO A 276 -25.84 -1.53 -10.79
C PRO A 276 -24.96 -2.75 -10.58
N LYS A 277 -24.22 -3.11 -11.63
CA LYS A 277 -23.09 -4.00 -11.47
C LYS A 277 -22.02 -3.32 -10.64
N PHE A 278 -21.24 -4.11 -9.91
CA PHE A 278 -20.11 -3.47 -9.23
C PHE A 278 -19.01 -4.49 -8.96
N SER A 279 -17.80 -3.96 -8.82
CA SER A 279 -16.59 -4.73 -8.55
C SER A 279 -15.82 -3.86 -7.58
N LEU A 280 -15.83 -4.21 -6.30
CA LEU A 280 -15.24 -3.40 -5.25
C LEU A 280 -14.11 -4.17 -4.57
N GLU A 281 -13.05 -3.44 -4.21
CA GLU A 281 -11.97 -4.01 -3.41
C GLU A 281 -11.60 -3.01 -2.34
N THR A 282 -11.44 -3.48 -1.12
CA THR A 282 -11.14 -2.62 0.03
C THR A 282 -10.04 -3.31 0.80
N GLU A 283 -9.01 -2.56 1.20
CA GLU A 283 -8.02 -3.03 2.16
C GLU A 283 -8.08 -2.08 3.35
N VAL A 284 -8.37 -2.61 4.54
CA VAL A 284 -8.54 -1.75 5.71
C VAL A 284 -7.52 -2.11 6.78
N ASP A 285 -6.86 -1.09 7.31
CA ASP A 285 -6.07 -1.20 8.53
C ASP A 285 -7.06 -1.22 9.69
N LEU A 286 -7.12 -2.35 10.42
CA LEU A 286 -8.15 -2.54 11.42
C LEU A 286 -7.88 -1.77 12.71
N ARG A 287 -6.74 -1.10 12.82
CA ARG A 287 -6.38 -0.54 14.14
C ARG A 287 -7.43 0.44 14.66
N LYS A 288 -7.75 1.49 13.90
CA LYS A 288 -8.68 2.49 14.41
C LYS A 288 -10.06 1.91 14.69
N PRO A 289 -10.65 1.10 13.81
CA PRO A 289 -11.96 0.51 14.14
C PRO A 289 -11.94 -0.31 15.41
N LEU A 290 -10.88 -1.09 15.61
CA LEU A 290 -10.82 -1.93 16.80
C LEU A 290 -10.56 -1.09 18.05
N GLU A 291 -9.71 -0.08 17.94
CA GLU A 291 -9.53 0.85 19.07
C GLU A 291 -10.86 1.46 19.47
N ASN A 292 -11.68 1.86 18.49
CA ASN A 292 -12.97 2.49 18.80
C ASN A 292 -13.89 1.55 19.53
N LEU A 293 -13.70 0.24 19.39
CA LEU A 293 -14.48 -0.73 20.13
C LEU A 293 -13.80 -1.14 21.43
N GLY A 294 -12.73 -0.43 21.81
CA GLY A 294 -12.09 -0.63 23.09
C GLY A 294 -10.83 -1.47 23.08
N MET A 295 -10.40 -1.97 21.93
CA MET A 295 -9.21 -2.83 21.86
C MET A 295 -7.99 -1.97 21.54
N THR A 296 -7.56 -1.20 22.55
CA THR A 296 -6.46 -0.28 22.37
C THR A 296 -5.12 -0.87 22.78
N ASP A 297 -5.09 -1.73 23.80
CA ASP A 297 -3.78 -2.19 24.31
C ASP A 297 -2.99 -2.95 23.26
N MET A 298 -3.68 -3.76 22.43
CA MET A 298 -3.00 -4.69 21.56
C MET A 298 -2.07 -4.01 20.57
N PHE A 299 -2.28 -2.72 20.29
CA PHE A 299 -1.48 -2.00 19.30
C PHE A 299 -0.33 -1.22 19.90
N ARG A 300 -0.16 -1.26 21.22
CA ARG A 300 0.78 -0.36 21.89
C ARG A 300 1.97 -1.12 22.49
N PRO A 301 3.20 -0.85 22.07
CA PRO A 301 4.35 -1.55 22.66
C PRO A 301 4.45 -1.28 24.16
N PHE A 302 4.78 -2.34 24.91
CA PHE A 302 4.93 -2.26 26.36
C PHE A 302 3.61 -2.14 27.11
N GLN A 303 2.51 -1.92 26.41
CA GLN A 303 1.18 -2.05 27.01
C GLN A 303 0.46 -3.30 26.56
N ALA A 304 0.58 -3.66 25.28
CA ALA A 304 0.00 -4.90 24.78
C ALA A 304 0.51 -6.09 25.61
N ASP A 305 -0.37 -7.04 25.83
CA ASP A 305 -0.03 -8.26 26.55
C ASP A 305 -0.31 -9.45 25.65
N PHE A 306 0.74 -10.00 25.07
CA PHE A 306 0.65 -11.21 24.26
C PHE A 306 1.37 -12.36 24.94
N THR A 307 1.19 -12.47 26.28
CA THR A 307 2.03 -13.40 27.02
C THR A 307 1.57 -14.85 26.91
N SER A 308 0.39 -15.13 26.37
CA SER A 308 0.09 -16.52 26.07
C SER A 308 0.90 -17.04 24.88
N LEU A 309 1.37 -16.15 24.01
CA LEU A 309 2.16 -16.51 22.85
C LEU A 309 3.66 -16.48 23.16
N SER A 310 4.11 -15.42 23.84
CA SER A 310 5.53 -15.30 24.14
C SER A 310 5.71 -14.41 25.37
N ASP A 311 6.72 -14.72 26.17
CA ASP A 311 7.10 -13.81 27.26
C ASP A 311 8.05 -12.68 26.82
N GLN A 312 8.43 -12.60 25.56
CA GLN A 312 9.38 -11.57 25.15
C GLN A 312 8.72 -10.20 25.04
N GLU A 313 9.50 -9.16 25.33
CA GLU A 313 8.98 -7.81 25.42
C GLU A 313 9.89 -6.86 24.64
N PRO A 314 9.31 -5.84 23.99
CA PRO A 314 7.85 -5.73 23.94
C PRO A 314 7.26 -6.64 22.84
N LEU A 315 5.95 -6.84 22.83
CA LEU A 315 5.33 -7.56 21.71
C LEU A 315 3.93 -6.98 21.55
N HIS A 316 3.63 -6.51 20.35
CA HIS A 316 2.33 -5.90 20.06
C HIS A 316 2.03 -6.14 18.59
N VAL A 317 0.79 -5.85 18.20
CA VAL A 317 0.38 -6.05 16.81
C VAL A 317 0.88 -4.86 15.99
N ALA A 318 1.81 -5.11 15.06
CA ALA A 318 2.30 -4.03 14.22
C ALA A 318 1.38 -3.73 13.05
N LEU A 319 0.62 -4.72 12.60
CA LEU A 319 -0.16 -4.63 11.37
C LEU A 319 -1.35 -5.58 11.48
N ALA A 320 -2.57 -5.06 11.29
CA ALA A 320 -3.79 -5.88 11.31
C ALA A 320 -4.60 -5.45 10.10
N LEU A 321 -4.71 -6.34 9.11
CA LEU A 321 -5.27 -5.97 7.81
C LEU A 321 -6.41 -6.90 7.40
N GLN A 322 -7.44 -6.32 6.80
CA GLN A 322 -8.41 -7.10 6.06
C GLN A 322 -8.43 -6.58 4.63
N LYS A 323 -8.49 -7.50 3.67
CA LYS A 323 -8.67 -7.12 2.28
C LYS A 323 -9.79 -7.98 1.70
N VAL A 324 -10.80 -7.34 1.12
CA VAL A 324 -11.94 -8.05 0.55
C VAL A 324 -12.14 -7.57 -0.88
N LYS A 325 -12.47 -8.50 -1.78
CA LYS A 325 -12.79 -8.18 -3.16
C LYS A 325 -14.10 -8.88 -3.49
N ILE A 326 -15.06 -8.13 -3.99
CA ILE A 326 -16.38 -8.70 -4.26
C ILE A 326 -16.81 -8.24 -5.63
N GLU A 327 -17.42 -9.15 -6.38
CA GLU A 327 -17.94 -8.87 -7.71
C GLU A 327 -19.43 -9.15 -7.71
N VAL A 328 -20.21 -8.24 -8.28
CA VAL A 328 -21.64 -8.42 -8.50
C VAL A 328 -21.86 -8.24 -10.01
N ASN A 329 -22.24 -9.32 -10.69
CA ASN A 329 -22.46 -9.24 -12.14
C ASN A 329 -23.65 -10.13 -12.49
N GLU A 330 -23.85 -10.38 -13.79
CA GLU A 330 -25.11 -11.02 -14.20
C GLU A 330 -25.21 -12.47 -13.74
N SER A 331 -24.07 -13.18 -13.62
CA SER A 331 -24.15 -14.57 -13.17
C SER A 331 -22.92 -15.06 -12.41
N GLY A 332 -22.14 -14.19 -11.82
CA GLY A 332 -21.03 -14.66 -11.01
C GLY A 332 -19.86 -15.04 -11.89
N THR A 333 -19.33 -16.24 -11.69
CA THR A 333 -18.07 -16.63 -12.31
C THR A 333 -18.25 -17.32 -13.66
N VAL A 334 -19.48 -17.42 -14.17
CA VAL A 334 -19.73 -18.17 -15.40
C VAL A 334 -20.54 -17.30 -16.35
N ALA A 335 -20.70 -17.80 -17.58
CA ALA A 335 -21.53 -17.13 -18.58
C ALA A 335 -23.02 -17.25 -18.22
N THR A 339 -32.57 -15.41 -19.78
CA THR A 339 -33.64 -15.02 -20.69
C THR A 339 -34.60 -14.01 -20.05
N ALA A 340 -34.82 -12.89 -20.73
CA ALA A 340 -35.61 -11.81 -20.16
C ALA A 340 -37.09 -12.17 -20.06
N VAL A 341 -37.74 -11.63 -19.03
CA VAL A 341 -39.19 -11.74 -18.86
C VAL A 341 -39.79 -10.44 -19.36
N ILE A 342 -40.46 -10.49 -20.52
CA ILE A 342 -40.96 -9.27 -21.17
C ILE A 342 -42.32 -8.82 -20.60
N ALA A 348 -46.45 -4.53 -17.32
CA ALA A 348 -45.29 -3.88 -16.71
C ALA A 348 -45.47 -3.76 -15.21
N PRO A 349 -44.63 -4.48 -14.46
CA PRO A 349 -44.79 -4.55 -13.01
C PRO A 349 -44.22 -3.32 -12.32
N GLU A 350 -44.44 -3.25 -11.02
CA GLU A 350 -43.76 -2.22 -10.23
C GLU A 350 -42.25 -2.42 -10.36
N GLU A 351 -41.51 -1.32 -10.41
CA GLU A 351 -40.06 -1.36 -10.53
C GLU A 351 -39.39 -0.84 -9.27
N ILE A 352 -38.24 -1.43 -8.95
CA ILE A 352 -37.36 -0.95 -7.89
C ILE A 352 -36.04 -0.64 -8.58
N ILE A 353 -35.68 0.63 -8.63
CA ILE A 353 -34.48 1.08 -9.31
C ILE A 353 -33.46 1.53 -8.25
N ILE A 354 -32.36 0.80 -8.17
CA ILE A 354 -31.31 1.11 -7.19
C ILE A 354 -30.35 2.04 -7.90
N ASP A 355 -30.68 3.33 -7.92
CA ASP A 355 -29.87 4.32 -8.63
C ASP A 355 -29.36 5.40 -7.69
N ARG A 356 -29.01 5.01 -6.46
CA ARG A 356 -28.46 5.89 -5.45
C ARG A 356 -27.67 5.01 -4.48
N PRO A 357 -26.87 5.59 -3.59
CA PRO A 357 -26.05 4.76 -2.69
C PRO A 357 -26.89 3.75 -1.91
N PHE A 358 -26.37 2.53 -1.80
CA PHE A 358 -27.08 1.41 -1.18
C PHE A 358 -26.11 0.56 -0.39
N LEU A 359 -26.66 -0.18 0.57
CA LEU A 359 -25.95 -1.17 1.37
C LEU A 359 -26.21 -2.55 0.78
N PHE A 360 -25.22 -3.43 0.91
CA PHE A 360 -25.43 -4.84 0.60
C PHE A 360 -24.93 -5.70 1.74
N VAL A 361 -25.55 -6.86 1.90
CA VAL A 361 -25.20 -7.83 2.93
C VAL A 361 -25.25 -9.20 2.28
N VAL A 362 -24.14 -9.95 2.36
CA VAL A 362 -24.14 -11.35 1.95
C VAL A 362 -24.28 -12.19 3.20
N ARG A 363 -25.34 -12.99 3.26
CA ARG A 363 -25.71 -13.70 4.47
C ARG A 363 -25.88 -15.19 4.16
N HIS A 364 -25.35 -16.02 5.04
CA HIS A 364 -25.57 -17.46 5.01
C HIS A 364 -26.86 -17.73 5.79
N ASN A 365 -27.93 -18.09 5.08
CA ASN A 365 -29.24 -18.11 5.73
C ASN A 365 -29.40 -19.22 6.75
N PRO A 366 -28.85 -20.42 6.54
CA PRO A 366 -28.99 -21.46 7.57
C PRO A 366 -28.44 -21.07 8.93
N THR A 367 -27.37 -20.27 8.99
CA THR A 367 -26.75 -19.90 10.26
C THR A 367 -26.98 -18.45 10.65
N GLY A 368 -27.40 -17.62 9.72
CA GLY A 368 -27.40 -16.19 9.96
C GLY A 368 -26.06 -15.52 9.73
N THR A 369 -25.03 -16.25 9.30
CA THR A 369 -23.70 -15.64 9.29
C THR A 369 -23.67 -14.50 8.29
N VAL A 370 -23.17 -13.34 8.74
CA VAL A 370 -22.97 -12.20 7.85
C VAL A 370 -21.56 -12.30 7.27
N LEU A 371 -21.46 -12.81 6.03
CA LEU A 371 -20.15 -13.02 5.40
C LEU A 371 -19.57 -11.74 4.84
N PHE A 372 -20.37 -10.92 4.18
CA PHE A 372 -19.88 -9.69 3.58
C PHE A 372 -20.87 -8.57 3.82
N MET A 373 -20.35 -7.35 3.84
CA MET A 373 -21.21 -6.20 4.03
C MET A 373 -20.53 -5.00 3.38
N GLY A 374 -21.31 -4.07 2.86
CA GLY A 374 -20.64 -2.94 2.22
C GLY A 374 -21.59 -1.84 1.84
N GLN A 375 -21.01 -0.72 1.41
CA GLN A 375 -21.77 0.43 0.94
C GLN A 375 -21.25 0.80 -0.44
N VAL A 376 -22.15 0.86 -1.42
CA VAL A 376 -21.81 1.24 -2.78
C VAL A 376 -22.22 2.70 -2.92
N MET A 377 -21.24 3.59 -2.79
CA MET A 377 -21.49 5.02 -2.96
C MET A 377 -21.35 5.44 -4.41
N GLU A 378 -20.62 4.67 -5.22
CA GLU A 378 -20.47 4.93 -6.65
C GLU A 378 -19.99 3.67 -7.36
N PRO A 379 -20.85 3.00 -8.14
CA PRO A 379 -20.41 1.76 -8.80
C PRO A 379 -19.52 2.03 -10.00
N TYR B 7 12.51 -8.16 -11.44
CA TYR B 7 12.64 -8.62 -10.06
C TYR B 7 13.74 -7.86 -9.30
N VAL B 8 14.94 -7.83 -9.86
CA VAL B 8 16.02 -7.06 -9.25
C VAL B 8 15.64 -5.59 -9.20
N ALA B 9 15.06 -5.08 -10.28
CA ALA B 9 14.63 -3.68 -10.30
C ALA B 9 13.69 -3.38 -9.13
N HIS B 10 12.78 -4.28 -8.82
CA HIS B 10 11.82 -4.00 -7.75
C HIS B 10 12.48 -4.08 -6.37
N LEU B 11 13.34 -5.07 -6.16
CA LEU B 11 14.06 -5.16 -4.88
C LEU B 11 14.90 -3.91 -4.65
N ALA B 12 15.63 -3.47 -5.68
CA ALA B 12 16.46 -2.28 -5.53
C ALA B 12 15.60 -1.07 -5.23
N SER B 13 14.48 -0.90 -5.95
CA SER B 13 13.58 0.22 -5.69
C SER B 13 13.07 0.19 -4.26
N ASP B 14 12.59 -0.96 -3.82
CA ASP B 14 11.92 -1.03 -2.53
C ASP B 14 12.89 -0.81 -1.38
N PHE B 15 14.15 -1.25 -1.52
CA PHE B 15 15.15 -0.90 -0.52
C PHE B 15 15.41 0.61 -0.51
N GLY B 16 15.54 1.21 -1.69
CA GLY B 16 15.80 2.64 -1.73
C GLY B 16 14.65 3.47 -1.20
N VAL B 17 13.41 3.01 -1.41
CA VAL B 17 12.29 3.68 -0.79
C VAL B 17 12.35 3.59 0.72
N ARG B 18 12.75 2.44 1.28
CA ARG B 18 12.92 2.37 2.74
C ARG B 18 14.01 3.34 3.24
N VAL B 19 15.05 3.59 2.44
CA VAL B 19 16.02 4.62 2.83
C VAL B 19 15.35 5.98 2.84
N PHE B 20 14.56 6.26 1.79
CA PHE B 20 13.87 7.55 1.71
C PHE B 20 12.93 7.74 2.90
N GLN B 21 12.25 6.68 3.32
CA GLN B 21 11.36 6.79 4.47
C GLN B 21 12.11 7.31 5.69
N GLN B 22 13.35 6.83 5.87
CA GLN B 22 14.15 7.27 7.00
C GLN B 22 14.58 8.72 6.84
N VAL B 23 14.99 9.10 5.62
CA VAL B 23 15.37 10.48 5.35
C VAL B 23 14.20 11.42 5.60
N ALA B 24 13.03 11.05 5.08
CA ALA B 24 11.86 11.93 5.22
C ALA B 24 11.42 12.04 6.68
N GLN B 25 11.51 10.94 7.44
CA GLN B 25 11.13 11.01 8.85
C GLN B 25 11.99 12.02 9.61
N ALA B 26 13.24 12.20 9.17
CA ALA B 26 14.17 13.12 9.82
C ALA B 26 14.02 14.54 9.33
N SER B 27 13.24 14.76 8.28
CA SER B 27 13.12 16.07 7.64
C SER B 27 11.67 16.42 7.45
N LYS B 28 10.86 16.24 8.49
CA LYS B 28 9.50 16.71 8.45
C LYS B 28 9.48 18.18 8.01
N ASP B 29 8.65 18.47 7.02
CA ASP B 29 8.36 19.83 6.59
C ASP B 29 9.48 20.48 5.82
N ARG B 30 10.55 19.77 5.49
CA ARG B 30 11.56 20.26 4.56
C ARG B 30 11.47 19.54 3.22
N ASN B 31 11.77 20.26 2.14
CA ASN B 31 11.93 19.61 0.84
C ASN B 31 12.97 18.49 0.94
N VAL B 32 12.66 17.34 0.36
CA VAL B 32 13.63 16.26 0.17
C VAL B 32 13.47 15.71 -1.24
N VAL B 33 14.58 15.56 -1.96
CA VAL B 33 14.61 14.81 -3.21
C VAL B 33 15.69 13.75 -3.10
N PHE B 34 15.46 12.61 -3.75
CA PHE B 34 16.20 11.41 -3.39
C PHE B 34 16.11 10.42 -4.55
N SER B 35 17.09 9.50 -4.60
CA SER B 35 17.07 8.43 -5.61
C SER B 35 17.09 7.06 -4.96
N PRO B 36 15.94 6.38 -4.88
CA PRO B 36 15.96 4.98 -4.40
C PRO B 36 16.88 4.09 -5.22
N TYR B 37 16.80 4.20 -6.55
CA TYR B 37 17.66 3.44 -7.44
C TYR B 37 19.14 3.70 -7.15
N GLY B 38 19.50 4.97 -6.98
CA GLY B 38 20.90 5.31 -6.79
C GLY B 38 21.47 4.73 -5.51
N VAL B 39 20.72 4.82 -4.41
CA VAL B 39 21.30 4.34 -3.16
C VAL B 39 21.41 2.82 -3.20
N ALA B 40 20.46 2.13 -3.86
CA ALA B 40 20.57 0.69 -4.01
C ALA B 40 21.76 0.34 -4.87
N SER B 41 21.98 1.13 -5.92
CA SER B 41 23.08 0.85 -6.84
C SER B 41 24.43 0.89 -6.13
N VAL B 42 24.70 1.96 -5.38
CA VAL B 42 26.01 2.05 -4.74
C VAL B 42 26.15 1.06 -3.58
N LEU B 43 25.05 0.75 -2.88
CA LEU B 43 25.15 -0.24 -1.81
C LEU B 43 25.32 -1.64 -2.36
N ALA B 44 24.74 -1.91 -3.53
CA ALA B 44 25.02 -3.19 -4.17
C ALA B 44 26.50 -3.35 -4.44
N MET B 45 27.16 -2.26 -4.85
CA MET B 45 28.60 -2.29 -5.06
C MET B 45 29.32 -2.52 -3.74
N LEU B 46 28.92 -1.77 -2.71
CA LEU B 46 29.57 -1.92 -1.42
C LEU B 46 29.49 -3.36 -0.93
N GLN B 47 28.39 -4.05 -1.25
CA GLN B 47 28.26 -5.44 -0.82
C GLN B 47 29.53 -6.24 -1.09
N LEU B 48 30.09 -6.10 -2.29
CA LEU B 48 31.24 -6.90 -2.67
C LEU B 48 32.43 -6.69 -1.76
N THR B 49 32.55 -5.52 -1.14
CA THR B 49 33.68 -5.25 -0.26
C THR B 49 33.52 -5.81 1.15
N THR B 50 32.30 -6.22 1.54
CA THR B 50 32.02 -6.53 2.94
C THR B 50 32.21 -8.02 3.22
N GLY B 51 32.29 -8.36 4.51
CA GLY B 51 32.27 -9.75 4.92
C GLY B 51 31.55 -9.90 6.24
N GLY B 52 31.39 -11.15 6.67
CA GLY B 52 30.90 -11.40 8.02
C GLY B 52 29.55 -10.75 8.29
N GLU B 53 29.41 -10.16 9.47
CA GLU B 53 28.13 -9.59 9.87
C GLU B 53 27.82 -8.29 9.13
N THR B 54 28.87 -7.57 8.71
CA THR B 54 28.68 -6.37 7.93
C THR B 54 27.98 -6.71 6.62
N GLN B 55 28.44 -7.77 5.95
CA GLN B 55 27.80 -8.26 4.72
C GLN B 55 26.39 -8.73 5.03
N GLN B 56 26.24 -9.47 6.13
CA GLN B 56 24.93 -9.96 6.51
C GLN B 56 23.91 -8.83 6.62
N GLN B 57 24.29 -7.76 7.33
CA GLN B 57 23.37 -6.66 7.58
C GLN B 57 22.92 -6.00 6.30
N ILE B 58 23.85 -5.76 5.36
CA ILE B 58 23.45 -5.13 4.12
C ILE B 58 22.58 -6.06 3.30
N GLN B 59 22.93 -7.34 3.25
CA GLN B 59 22.16 -8.24 2.41
C GLN B 59 20.76 -8.47 2.96
N ALA B 60 20.63 -8.53 4.28
CA ALA B 60 19.28 -8.67 4.84
C ALA B 60 18.44 -7.44 4.54
N ALA B 61 19.03 -6.25 4.64
CA ALA B 61 18.27 -5.02 4.35
C ALA B 61 17.92 -4.90 2.86
N MET B 62 18.84 -5.28 1.96
CA MET B 62 18.56 -5.07 0.55
C MET B 62 17.71 -6.16 -0.07
N GLY B 63 17.75 -7.38 0.44
CA GLY B 63 16.90 -8.44 -0.08
C GLY B 63 17.55 -9.29 -1.14
N PHE B 64 18.82 -9.05 -1.46
CA PHE B 64 19.47 -9.85 -2.48
C PHE B 64 20.98 -9.77 -2.27
N LYS B 65 21.67 -10.76 -2.79
CA LYS B 65 23.12 -10.82 -2.74
C LYS B 65 23.67 -10.53 -4.13
N ILE B 66 24.57 -9.55 -4.21
CA ILE B 66 25.03 -9.08 -5.51
C ILE B 66 25.74 -10.20 -6.28
N ASP B 67 26.35 -11.15 -5.56
CA ASP B 67 27.07 -12.25 -6.20
C ASP B 67 26.19 -13.42 -6.58
N ASP B 68 24.90 -13.39 -6.25
CA ASP B 68 23.99 -14.46 -6.66
C ASP B 68 23.79 -14.44 -8.16
N LYS B 69 23.54 -15.62 -8.72
CA LYS B 69 23.43 -15.77 -10.17
C LYS B 69 22.39 -14.81 -10.75
N GLY B 70 22.81 -14.02 -11.74
CA GLY B 70 21.91 -13.13 -12.45
C GLY B 70 21.69 -11.77 -11.82
N MET B 71 22.14 -11.54 -10.58
CA MET B 71 21.87 -10.25 -9.93
C MET B 71 22.67 -9.13 -10.57
N ALA B 72 23.98 -9.31 -10.66
CA ALA B 72 24.79 -8.22 -11.20
C ALA B 72 24.47 -7.97 -12.68
N PRO B 73 24.31 -9.02 -13.50
CA PRO B 73 23.89 -8.77 -14.89
C PRO B 73 22.61 -7.97 -14.97
N ALA B 74 21.66 -8.23 -14.09
CA ALA B 74 20.40 -7.50 -14.16
C ALA B 74 20.59 -6.02 -13.82
N LEU B 75 21.42 -5.72 -12.82
CA LEU B 75 21.71 -4.31 -12.53
C LEU B 75 22.44 -3.66 -13.69
N ARG B 76 23.37 -4.38 -14.34
CA ARG B 76 24.07 -3.78 -15.47
C ARG B 76 23.11 -3.48 -16.61
N HIS B 77 22.20 -4.41 -16.89
CA HIS B 77 21.19 -4.19 -17.93
C HIS B 77 20.34 -2.97 -17.61
N LEU B 78 19.98 -2.82 -16.34
CA LEU B 78 19.16 -1.67 -15.96
C LEU B 78 19.91 -0.37 -16.24
N TYR B 79 21.20 -0.29 -15.86
CA TYR B 79 21.96 0.93 -16.10
C TYR B 79 22.11 1.18 -17.60
N LYS B 80 22.40 0.13 -18.38
CA LYS B 80 22.50 0.32 -19.82
C LYS B 80 21.20 0.87 -20.40
N GLU B 81 20.04 0.38 -19.96
CA GLU B 81 18.80 0.94 -20.46
C GLU B 81 18.65 2.40 -20.07
N LEU B 82 19.04 2.74 -18.83
CA LEU B 82 18.86 4.11 -18.37
C LEU B 82 19.75 5.09 -19.12
N MET B 83 20.93 4.65 -19.55
CA MET B 83 21.85 5.54 -20.25
C MET B 83 21.71 5.42 -21.78
N GLY B 84 20.60 4.82 -22.25
CA GLY B 84 20.41 4.57 -23.64
C GLY B 84 20.09 5.83 -24.43
N PRO B 85 19.90 5.66 -25.75
CA PRO B 85 19.79 6.83 -26.63
C PRO B 85 18.55 7.67 -26.38
N TRP B 86 17.52 7.12 -25.72
CA TRP B 86 16.32 7.90 -25.41
C TRP B 86 16.61 9.01 -24.42
N ASN B 87 17.67 8.86 -23.63
CA ASN B 87 18.01 9.74 -22.52
C ASN B 87 18.74 10.95 -23.07
N LYS B 88 18.00 12.05 -23.23
CA LYS B 88 18.53 13.25 -23.87
C LYS B 88 19.16 14.18 -22.83
N ASP B 89 20.23 13.69 -22.20
CA ASP B 89 20.84 14.40 -21.08
C ASP B 89 19.81 14.63 -19.98
N GLU B 90 18.83 13.73 -19.91
CA GLU B 90 17.78 13.89 -18.91
C GLU B 90 18.16 13.29 -17.55
N ILE B 91 18.90 12.18 -17.54
CA ILE B 91 19.39 11.57 -16.30
C ILE B 91 20.90 11.43 -16.40
N SER B 92 21.60 11.95 -15.38
CA SER B 92 23.04 11.70 -15.21
C SER B 92 23.25 11.13 -13.82
N THR B 93 24.11 10.12 -13.71
CA THR B 93 24.22 9.39 -12.44
C THR B 93 25.63 8.83 -12.33
N THR B 94 26.06 8.66 -11.09
CA THR B 94 27.34 8.00 -10.90
C THR B 94 27.43 7.48 -9.47
N ASP B 95 28.12 6.36 -9.33
CA ASP B 95 28.44 5.74 -8.05
C ASP B 95 29.95 5.63 -7.97
N ALA B 96 30.52 5.81 -6.78
CA ALA B 96 31.97 5.68 -6.64
C ALA B 96 32.30 5.27 -5.24
N ILE B 97 33.18 4.29 -5.11
CA ILE B 97 33.79 3.89 -3.85
C ILE B 97 35.27 4.27 -3.93
N PHE B 98 35.75 5.01 -2.92
CA PHE B 98 37.14 5.46 -2.83
C PHE B 98 37.81 4.81 -1.63
N VAL B 99 38.99 4.22 -1.83
CA VAL B 99 39.71 3.56 -0.73
C VAL B 99 41.14 4.08 -0.72
N GLN B 100 41.71 4.13 0.49
CA GLN B 100 43.10 4.54 0.69
C GLN B 100 44.02 3.75 -0.24
N ARG B 101 44.90 4.47 -0.95
CA ARG B 101 45.63 3.86 -2.05
C ARG B 101 46.61 2.78 -1.58
N ASP B 102 47.29 2.98 -0.47
CA ASP B 102 48.36 2.05 -0.13
C ASP B 102 47.89 0.86 0.69
N LEU B 103 46.62 0.84 1.09
CA LEU B 103 46.06 -0.34 1.75
C LEU B 103 46.24 -1.55 0.86
N LYS B 104 46.62 -2.67 1.47
CA LYS B 104 46.80 -3.92 0.74
C LYS B 104 45.43 -4.53 0.42
N LEU B 105 45.04 -4.47 -0.84
CA LEU B 105 43.77 -5.03 -1.25
C LEU B 105 43.87 -6.54 -1.42
N VAL B 106 42.72 -7.20 -1.29
CA VAL B 106 42.65 -8.64 -1.38
C VAL B 106 42.95 -9.11 -2.81
N GLN B 107 43.74 -10.16 -2.91
CA GLN B 107 44.01 -10.80 -4.20
C GLN B 107 42.71 -11.13 -4.89
N GLY B 108 42.57 -10.64 -6.12
CA GLY B 108 41.41 -10.97 -6.91
C GLY B 108 40.20 -10.09 -6.70
N PHE B 109 40.21 -9.18 -5.72
CA PHE B 109 39.01 -8.37 -5.52
C PHE B 109 38.76 -7.45 -6.71
N MET B 110 39.77 -6.72 -7.17
CA MET B 110 39.53 -5.73 -8.23
C MET B 110 39.06 -6.37 -9.53
N PRO B 111 39.65 -7.47 -10.01
CA PRO B 111 39.09 -8.14 -11.21
C PRO B 111 37.65 -8.60 -11.03
N HIS B 112 37.32 -9.10 -9.83
CA HIS B 112 35.97 -9.58 -9.55
C HIS B 112 34.97 -8.41 -9.57
N PHE B 113 35.30 -7.33 -8.89
CA PHE B 113 34.47 -6.12 -8.92
C PHE B 113 34.23 -5.64 -10.34
N PHE B 114 35.29 -5.61 -11.15
CA PHE B 114 35.12 -5.18 -12.53
C PHE B 114 34.24 -6.13 -13.30
N ARG B 115 34.39 -7.43 -13.08
CA ARG B 115 33.52 -8.37 -13.79
C ARG B 115 32.04 -8.08 -13.51
N LEU B 116 31.71 -7.78 -12.26
CA LEU B 116 30.29 -7.61 -11.92
C LEU B 116 29.75 -6.24 -12.31
N PHE B 117 30.57 -5.19 -12.17
CA PHE B 117 30.12 -3.81 -12.34
C PHE B 117 30.73 -3.09 -13.55
N ARG B 118 31.84 -3.60 -14.10
CA ARG B 118 32.53 -2.97 -15.24
C ARG B 118 32.99 -1.57 -14.90
N SER B 119 33.37 -1.37 -13.64
CA SER B 119 33.96 -0.14 -13.16
C SER B 119 34.89 -0.52 -12.02
N THR B 120 35.58 0.46 -11.46
CA THR B 120 36.66 0.19 -10.54
C THR B 120 36.41 0.91 -9.24
N VAL B 121 36.86 0.30 -8.15
CA VAL B 121 37.04 1.03 -6.92
C VAL B 121 38.22 1.97 -7.10
N LYS B 122 38.07 3.22 -6.64
CA LYS B 122 39.08 4.24 -6.90
C LYS B 122 40.03 4.29 -5.72
N GLN B 123 41.33 4.46 -6.01
CA GLN B 123 42.32 4.49 -4.96
C GLN B 123 42.86 5.91 -4.82
N VAL B 124 42.85 6.41 -3.60
CA VAL B 124 43.11 7.81 -3.29
C VAL B 124 44.11 7.84 -2.13
N ASP B 125 45.05 8.79 -2.16
CA ASP B 125 45.90 9.03 -1.01
C ASP B 125 45.21 10.04 -0.08
N PHE B 126 44.55 9.55 0.97
CA PHE B 126 43.82 10.45 1.86
C PHE B 126 44.73 11.27 2.76
N SER B 127 46.04 10.99 2.78
CA SER B 127 46.95 11.85 3.54
C SER B 127 47.16 13.20 2.85
N GLU B 128 46.90 13.29 1.54
CA GLU B 128 46.86 14.57 0.82
C GLU B 128 45.41 15.06 0.81
N VAL B 129 45.01 15.73 1.89
CA VAL B 129 43.58 15.91 2.17
C VAL B 129 42.91 16.78 1.10
N GLU B 130 43.51 17.92 0.78
CA GLU B 130 42.88 18.80 -0.21
C GLU B 130 42.79 18.12 -1.58
N ARG B 131 43.83 17.38 -1.96
CA ARG B 131 43.80 16.67 -3.23
C ARG B 131 42.78 15.55 -3.21
N ALA B 132 42.61 14.87 -2.08
CA ALA B 132 41.60 13.81 -1.98
C ALA B 132 40.20 14.38 -2.15
N ARG B 133 39.91 15.49 -1.49
CA ARG B 133 38.61 16.13 -1.66
C ARG B 133 38.40 16.59 -3.09
N PHE B 134 39.45 17.12 -3.71
CA PHE B 134 39.31 17.54 -5.10
C PHE B 134 38.99 16.35 -5.98
N ILE B 135 39.66 15.23 -5.77
CA ILE B 135 39.43 14.06 -6.63
C ILE B 135 37.98 13.60 -6.51
N ILE B 136 37.45 13.59 -5.31
CA ILE B 136 36.10 13.07 -5.13
C ILE B 136 35.09 14.01 -5.79
N ASN B 137 35.19 15.32 -5.52
CA ASN B 137 34.28 16.27 -6.14
C ASN B 137 34.40 16.29 -7.65
N ASP B 138 35.63 16.18 -8.17
CA ASP B 138 35.83 16.22 -9.60
C ASP B 138 35.28 14.98 -10.29
N TRP B 139 35.34 13.83 -9.62
CA TRP B 139 34.71 12.64 -10.14
C TRP B 139 33.21 12.88 -10.31
N VAL B 140 32.59 13.46 -9.29
CA VAL B 140 31.15 13.69 -9.38
C VAL B 140 30.85 14.71 -10.47
N LYS B 141 31.67 15.76 -10.57
CA LYS B 141 31.46 16.74 -11.62
C LYS B 141 31.59 16.11 -13.01
N THR B 142 32.62 15.29 -13.24
CA THR B 142 32.79 14.77 -14.59
C THR B 142 31.64 13.81 -14.95
N HIS B 143 31.23 12.96 -14.03
CA HIS B 143 30.28 11.90 -14.37
C HIS B 143 28.82 12.28 -14.15
N THR B 144 28.55 13.53 -13.74
CA THR B 144 27.20 14.09 -13.86
C THR B 144 27.12 15.11 -14.98
N LYS B 145 28.12 15.12 -15.88
CA LYS B 145 28.12 16.04 -17.01
C LYS B 145 28.15 17.49 -16.54
N GLY B 146 28.80 17.73 -15.40
CA GLY B 146 28.94 19.07 -14.88
C GLY B 146 27.81 19.56 -14.02
N MET B 147 26.73 18.78 -13.88
CA MET B 147 25.53 19.26 -13.19
C MET B 147 25.69 19.27 -11.67
N ILE B 148 26.48 18.37 -11.10
CA ILE B 148 26.77 18.38 -9.66
C ILE B 148 28.28 18.48 -9.51
N SER B 149 28.75 19.57 -8.93
CA SER B 149 30.18 19.84 -8.91
C SER B 149 30.80 19.78 -7.52
N HIS B 150 29.99 19.66 -6.47
CA HIS B 150 30.50 19.75 -5.10
C HIS B 150 29.59 18.97 -4.15
N LEU B 151 30.22 18.21 -3.26
CA LEU B 151 29.52 17.55 -2.16
C LEU B 151 29.98 18.18 -0.85
N LEU B 152 29.03 18.72 -0.09
CA LEU B 152 29.39 19.35 1.17
C LEU B 152 30.04 18.36 2.11
N GLY B 153 29.58 17.10 2.09
CA GLY B 153 30.09 16.09 3.00
C GLY B 153 31.56 15.79 2.85
N THR B 154 32.14 16.09 1.69
CA THR B 154 33.57 15.84 1.52
C THR B 154 34.42 16.68 2.46
N GLY B 155 33.84 17.72 3.06
CA GLY B 155 34.54 18.43 4.12
C GLY B 155 34.98 17.53 5.26
N ALA B 156 34.32 16.39 5.42
CA ALA B 156 34.63 15.43 6.48
C ALA B 156 35.80 14.51 6.14
N VAL B 157 36.28 14.51 4.89
CA VAL B 157 37.44 13.72 4.52
C VAL B 157 38.68 14.34 5.16
N ASP B 158 39.46 13.52 5.86
CA ASP B 158 40.70 14.00 6.48
C ASP B 158 41.75 12.91 6.38
N GLN B 159 42.89 13.11 7.04
CA GLN B 159 44.02 12.19 6.89
C GLN B 159 43.76 10.82 7.52
N LEU B 160 42.71 10.66 8.34
CA LEU B 160 42.33 9.36 8.90
C LEU B 160 41.29 8.62 8.04
N THR B 161 40.68 9.29 7.08
CA THR B 161 39.73 8.65 6.16
C THR B 161 40.40 7.49 5.42
N ARG B 162 39.66 6.38 5.29
CA ARG B 162 40.16 5.25 4.52
C ARG B 162 39.17 4.71 3.53
N LEU B 163 37.88 4.98 3.69
CA LEU B 163 36.86 4.42 2.80
C LEU B 163 35.69 5.40 2.72
N VAL B 164 35.29 5.75 1.49
CA VAL B 164 34.24 6.74 1.21
C VAL B 164 33.35 6.22 0.08
N LEU B 165 32.03 6.42 0.19
CA LEU B 165 31.16 6.12 -0.96
C LEU B 165 30.25 7.30 -1.24
N VAL B 166 30.04 7.56 -2.54
CA VAL B 166 29.21 8.66 -3.00
C VAL B 166 28.32 8.18 -4.15
N ASN B 167 27.15 8.80 -4.24
CA ASN B 167 26.20 8.54 -5.31
C ASN B 167 25.62 9.91 -5.64
N ALA B 168 25.60 10.27 -6.93
CA ALA B 168 25.16 11.60 -7.30
C ALA B 168 24.33 11.48 -8.56
N LEU B 169 23.16 12.13 -8.59
CA LEU B 169 22.27 12.00 -9.73
C LEU B 169 21.63 13.34 -10.05
N TYR B 170 21.46 13.61 -11.35
CA TYR B 170 20.78 14.78 -11.86
C TYR B 170 19.62 14.34 -12.73
N PHE B 171 18.45 14.96 -12.59
CA PHE B 171 17.32 14.61 -13.44
C PHE B 171 16.60 15.85 -13.92
N ASN B 172 16.33 15.93 -15.22
CA ASN B 172 15.46 16.97 -15.77
C ASN B 172 14.84 16.40 -17.04
N GLY B 173 13.57 15.96 -16.95
CA GLY B 173 12.96 15.21 -18.03
C GLY B 173 12.27 16.09 -19.05
N GLN B 174 12.21 15.61 -20.30
CA GLN B 174 11.44 16.27 -21.34
C GLN B 174 10.04 15.66 -21.39
N TRP B 175 9.04 16.47 -21.08
CA TRP B 175 7.67 15.97 -21.03
C TRP B 175 7.19 15.47 -22.39
N LYS B 176 6.31 14.46 -22.36
CA LYS B 176 5.65 14.03 -23.59
C LYS B 176 4.88 15.18 -24.22
N THR B 177 4.16 15.94 -23.41
CA THR B 177 3.52 17.18 -23.86
C THR B 177 4.03 18.31 -23.00
N PRO B 178 4.83 19.23 -23.52
CA PRO B 178 5.36 20.29 -22.67
C PRO B 178 4.26 21.24 -22.23
N PHE B 179 4.48 21.87 -21.08
CA PHE B 179 3.60 22.93 -20.60
C PHE B 179 3.89 24.21 -21.37
N PRO B 180 2.88 24.86 -21.95
CA PRO B 180 3.17 26.07 -22.75
C PRO B 180 3.79 27.15 -21.89
N ASP B 181 4.92 27.70 -22.35
CA ASP B 181 5.65 28.69 -21.55
C ASP B 181 4.77 29.89 -21.18
N SER B 182 3.85 30.26 -22.07
CA SER B 182 3.05 31.46 -21.85
C SER B 182 1.99 31.28 -20.77
N SER B 183 1.66 30.06 -20.36
CA SER B 183 0.74 29.81 -19.27
C SER B 183 1.40 29.76 -17.89
N THR B 184 2.71 29.89 -17.80
CA THR B 184 3.35 29.88 -16.48
C THR B 184 3.05 31.18 -15.74
N HIS B 185 2.67 31.06 -14.48
CA HIS B 185 2.22 32.22 -13.71
C HIS B 185 2.51 32.01 -12.23
N ARG B 186 2.51 33.12 -11.49
CA ARG B 186 2.64 33.07 -10.04
C ARG B 186 1.32 32.67 -9.39
N ARG B 187 1.42 31.82 -8.36
CA ARG B 187 0.24 31.41 -7.61
C ARG B 187 0.67 31.15 -6.17
N LEU B 188 -0.29 31.24 -5.26
CA LEU B 188 0.02 31.06 -3.85
C LEU B 188 0.17 29.58 -3.52
N PHE B 189 1.25 29.24 -2.83
CA PHE B 189 1.47 27.89 -2.35
C PHE B 189 1.28 27.87 -0.85
N HIS B 190 0.48 26.92 -0.36
CA HIS B 190 0.14 26.82 1.06
C HIS B 190 1.05 25.80 1.76
N LYS B 191 1.97 26.32 2.57
CA LYS B 191 2.93 25.55 3.33
C LYS B 191 2.26 24.86 4.53
N SER B 192 2.98 23.91 5.12
CA SER B 192 2.38 23.09 6.16
C SER B 192 2.09 23.90 7.43
N ASP B 193 2.88 24.93 7.70
CA ASP B 193 2.68 25.77 8.88
C ASP B 193 1.57 26.80 8.71
N GLY B 194 0.86 26.80 7.59
CA GLY B 194 -0.23 27.73 7.37
C GLY B 194 0.12 28.97 6.56
N SER B 195 1.40 29.34 6.53
CA SER B 195 1.83 30.49 5.75
C SER B 195 1.77 30.17 4.26
N THR B 196 1.86 31.22 3.44
CA THR B 196 1.79 31.06 1.99
C THR B 196 2.98 31.76 1.35
N VAL B 197 3.30 31.35 0.13
CA VAL B 197 4.34 32.03 -0.63
C VAL B 197 3.94 32.01 -2.10
N SER B 198 4.35 33.04 -2.81
CA SER B 198 4.10 33.16 -4.24
C SER B 198 5.16 32.36 -5.00
N VAL B 199 4.73 31.38 -5.79
CA VAL B 199 5.69 30.58 -6.56
C VAL B 199 5.26 30.48 -8.02
N PRO B 200 6.19 30.32 -8.95
CA PRO B 200 5.80 30.10 -10.36
C PRO B 200 5.22 28.71 -10.55
N MET B 201 4.06 28.66 -11.22
CA MET B 201 3.39 27.41 -11.52
C MET B 201 3.21 27.27 -13.02
N MET B 202 3.37 26.04 -13.52
CA MET B 202 3.08 25.79 -14.93
C MET B 202 1.64 25.33 -15.08
N ALA B 203 1.14 25.36 -16.31
CA ALA B 203 -0.24 24.97 -16.50
C ALA B 203 -0.39 24.38 -17.89
N GLN B 204 -1.26 23.38 -18.00
CA GLN B 204 -1.52 22.74 -19.28
C GLN B 204 -2.91 22.10 -19.23
N THR B 205 -3.64 22.16 -20.35
CA THR B 205 -4.89 21.44 -20.50
C THR B 205 -4.65 20.19 -21.34
N ASN B 206 -5.05 19.04 -20.82
CA ASN B 206 -4.72 17.77 -21.47
C ASN B 206 -5.64 16.70 -20.90
N LYS B 207 -5.54 15.50 -21.45
CA LYS B 207 -6.10 14.34 -20.78
C LYS B 207 -4.99 13.77 -19.91
N PHE B 208 -5.31 13.48 -18.64
CA PHE B 208 -4.30 13.01 -17.69
C PHE B 208 -4.77 11.70 -17.09
N ASN B 209 -3.86 10.75 -16.96
CA ASN B 209 -4.13 9.56 -16.16
C ASN B 209 -4.26 9.94 -14.68
N TYR B 210 -5.41 9.60 -14.08
CA TYR B 210 -5.74 10.02 -12.72
C TYR B 210 -6.40 8.88 -11.94
N THR B 211 -6.11 8.80 -10.65
CA THR B 211 -6.90 7.95 -9.77
C THR B 211 -6.93 8.54 -8.37
N GLU B 212 -8.05 8.37 -7.67
CA GLU B 212 -8.04 8.62 -6.25
C GLU B 212 -7.38 7.41 -5.58
N PHE B 213 -6.69 7.64 -4.48
CA PHE B 213 -6.11 6.51 -3.78
C PHE B 213 -6.35 6.68 -2.29
N THR B 214 -6.73 5.59 -1.63
CA THR B 214 -6.86 5.56 -0.18
C THR B 214 -5.88 4.56 0.41
N THR B 215 -5.08 4.99 1.39
CA THR B 215 -4.26 4.06 2.16
C THR B 215 -5.14 3.12 3.00
N PRO B 216 -4.61 1.96 3.39
CA PRO B 216 -5.35 1.08 4.30
C PRO B 216 -5.80 1.79 5.57
N ASP B 217 -5.05 2.78 6.06
CA ASP B 217 -5.49 3.47 7.27
C ASP B 217 -6.35 4.71 6.98
N GLY B 218 -6.84 4.86 5.77
CA GLY B 218 -7.87 5.84 5.49
C GLY B 218 -7.45 7.24 5.10
N HIS B 219 -6.23 7.45 4.62
CA HIS B 219 -5.82 8.76 4.12
C HIS B 219 -5.98 8.81 2.60
N TYR B 220 -6.54 9.91 2.09
CA TYR B 220 -6.89 9.99 0.67
C TYR B 220 -5.94 10.91 -0.07
N TYR B 221 -5.61 10.53 -1.32
CA TYR B 221 -4.68 11.26 -2.19
C TYR B 221 -5.20 11.28 -3.62
N ASP B 222 -4.96 12.39 -4.30
CA ASP B 222 -5.15 12.46 -5.74
C ASP B 222 -3.84 12.06 -6.39
N ILE B 223 -3.89 11.12 -7.33
CA ILE B 223 -2.71 10.59 -8.02
C ILE B 223 -2.80 10.99 -9.49
N LEU B 224 -1.75 11.62 -9.99
CA LEU B 224 -1.65 11.93 -11.41
C LEU B 224 -0.40 11.29 -11.99
N GLU B 225 -0.50 10.78 -13.20
CA GLU B 225 0.68 10.36 -13.96
C GLU B 225 1.00 11.42 -15.02
N LEU B 226 2.25 11.87 -15.06
CA LEU B 226 2.71 12.80 -16.09
C LEU B 226 3.79 12.09 -16.89
N PRO B 227 3.50 11.64 -18.10
CA PRO B 227 4.49 10.89 -18.89
C PRO B 227 5.53 11.81 -19.50
N TYR B 228 6.77 11.32 -19.53
CA TYR B 228 7.83 11.97 -20.28
C TYR B 228 7.87 11.42 -21.69
N HIS B 229 8.73 11.99 -22.54
CA HIS B 229 8.70 11.68 -23.97
C HIS B 229 8.90 10.20 -24.24
N GLY B 230 8.13 9.66 -25.18
CA GLY B 230 8.19 8.26 -25.52
C GLY B 230 7.67 7.33 -24.45
N ASP B 231 7.13 7.85 -23.35
CA ASP B 231 6.60 7.08 -22.24
C ASP B 231 7.66 6.20 -21.57
N THR B 232 8.95 6.47 -21.80
CA THR B 232 9.98 5.71 -21.10
C THR B 232 9.91 5.95 -19.59
N LEU B 233 9.84 7.23 -19.18
CA LEU B 233 9.66 7.62 -17.80
C LEU B 233 8.30 8.27 -17.60
N SER B 234 7.80 8.19 -16.36
CA SER B 234 6.64 8.92 -15.89
C SER B 234 6.95 9.53 -14.53
N MET B 235 6.44 10.73 -14.29
CA MET B 235 6.36 11.27 -12.93
C MET B 235 4.93 11.06 -12.41
N PHE B 236 4.84 10.49 -11.23
CA PHE B 236 3.57 10.39 -10.51
C PHE B 236 3.56 11.45 -9.44
N ILE B 237 2.44 12.17 -9.34
CA ILE B 237 2.24 13.19 -8.32
C ILE B 237 1.17 12.67 -7.38
N ALA B 238 1.45 12.68 -6.08
CA ALA B 238 0.47 12.27 -5.06
C ALA B 238 0.22 13.46 -4.16
N ALA B 239 -1.00 14.02 -4.22
CA ALA B 239 -1.32 15.22 -3.48
C ALA B 239 -2.46 14.94 -2.51
N PRO B 240 -2.26 15.18 -1.21
CA PRO B 240 -3.33 14.95 -0.23
C PRO B 240 -4.65 15.57 -0.66
N TYR B 241 -5.74 14.82 -0.44
CA TYR B 241 -7.07 15.31 -0.76
C TYR B 241 -7.41 16.59 0.01
N GLU B 242 -6.91 16.72 1.24
CA GLU B 242 -7.21 17.87 2.08
C GLU B 242 -5.95 18.29 2.83
N LYS B 243 -5.99 19.51 3.38
CA LYS B 243 -4.76 20.13 3.88
C LYS B 243 -4.14 19.38 5.05
N GLU B 244 -4.95 18.74 5.89
CA GLU B 244 -4.43 18.13 7.11
C GLU B 244 -3.94 16.69 6.93
N VAL B 245 -3.92 16.18 5.71
CA VAL B 245 -3.52 14.81 5.43
C VAL B 245 -1.99 14.80 5.27
N PRO B 246 -1.25 14.04 6.07
CA PRO B 246 0.22 14.08 5.96
C PRO B 246 0.72 13.20 4.82
N LEU B 247 1.82 13.64 4.22
CA LEU B 247 2.44 12.81 3.20
C LEU B 247 2.96 11.50 3.78
N SER B 248 3.33 11.48 5.07
CA SER B 248 3.98 10.30 5.61
C SER B 248 3.07 9.07 5.54
N ALA B 249 1.74 9.22 5.59
CA ALA B 249 0.88 8.03 5.55
C ALA B 249 1.07 7.27 4.26
N LEU B 250 1.38 7.96 3.17
CA LEU B 250 1.63 7.30 1.90
C LEU B 250 3.11 6.91 1.76
N THR B 251 4.02 7.82 2.08
CA THR B 251 5.46 7.53 1.97
C THR B 251 5.82 6.23 2.68
N ASN B 252 5.23 6.01 3.85
CA ASN B 252 5.65 4.90 4.70
C ASN B 252 5.09 3.55 4.28
N ILE B 253 4.27 3.47 3.23
CA ILE B 253 3.91 2.18 2.66
C ILE B 253 4.33 2.06 1.21
N LEU B 254 5.05 3.05 0.68
CA LEU B 254 5.32 3.08 -0.75
C LEU B 254 6.23 1.93 -1.18
N SER B 255 5.95 1.39 -2.37
CA SER B 255 6.75 0.32 -2.97
C SER B 255 6.58 0.39 -4.49
N ALA B 256 7.42 -0.35 -5.22
CA ALA B 256 7.25 -0.37 -6.67
C ALA B 256 5.86 -0.88 -7.03
N GLN B 257 5.35 -1.84 -6.25
CA GLN B 257 4.06 -2.46 -6.50
C GLN B 257 2.89 -1.51 -6.22
N LEU B 258 3.05 -0.62 -5.23
CA LEU B 258 2.02 0.40 -5.02
C LEU B 258 1.90 1.29 -6.25
N ILE B 259 3.02 1.62 -6.89
CA ILE B 259 2.91 2.47 -8.07
C ILE B 259 2.17 1.74 -9.18
N SER B 260 2.46 0.45 -9.34
CA SER B 260 1.74 -0.31 -10.35
C SER B 260 0.25 -0.41 -10.01
N HIS B 261 -0.08 -0.44 -8.72
CA HIS B 261 -1.48 -0.45 -8.27
C HIS B 261 -2.20 0.82 -8.69
N TRP B 262 -1.57 1.98 -8.47
CA TRP B 262 -2.11 3.24 -8.97
C TRP B 262 -2.39 3.15 -10.46
N LYS B 263 -1.37 2.74 -11.21
CA LYS B 263 -1.46 2.69 -12.67
C LYS B 263 -2.64 1.84 -13.12
N GLY B 264 -2.83 0.67 -12.51
CA GLY B 264 -3.95 -0.19 -12.85
C GLY B 264 -5.32 0.38 -12.52
N ASN B 265 -5.39 1.39 -11.66
CA ASN B 265 -6.67 2.00 -11.33
C ASN B 265 -6.91 3.33 -12.06
N MET B 266 -6.00 3.76 -12.93
CA MET B 266 -6.11 5.09 -13.49
C MET B 266 -7.00 5.10 -14.73
N THR B 267 -7.68 6.23 -14.94
CA THR B 267 -8.34 6.51 -16.20
C THR B 267 -7.95 7.92 -16.64
N ARG B 268 -8.06 8.16 -17.94
CA ARG B 268 -7.65 9.43 -18.51
C ARG B 268 -8.81 10.42 -18.46
N LEU B 269 -8.57 11.57 -17.85
CA LEU B 269 -9.58 12.60 -17.64
C LEU B 269 -9.13 13.95 -18.19
N PRO B 270 -10.06 14.72 -18.75
CA PRO B 270 -9.76 16.06 -19.30
C PRO B 270 -9.70 17.11 -18.21
N ARG B 271 -8.53 17.72 -18.05
CA ARG B 271 -8.28 18.59 -16.91
C ARG B 271 -7.36 19.73 -17.30
N LEU B 272 -7.60 20.89 -16.69
CA LEU B 272 -6.57 21.89 -16.53
C LEU B 272 -5.70 21.47 -15.36
N LEU B 273 -4.40 21.29 -15.61
CA LEU B 273 -3.46 21.00 -14.52
C LEU B 273 -2.57 22.20 -14.27
N VAL B 274 -2.48 22.62 -13.01
CA VAL B 274 -1.58 23.66 -12.57
C VAL B 274 -0.63 23.05 -11.54
N LEU B 275 0.67 23.11 -11.83
CA LEU B 275 1.71 22.36 -11.09
C LEU B 275 2.89 23.30 -10.83
N PRO B 276 3.41 23.35 -9.61
CA PRO B 276 4.56 24.23 -9.35
C PRO B 276 5.78 23.76 -10.12
N LYS B 277 6.52 24.72 -10.68
CA LYS B 277 7.87 24.41 -11.14
C LYS B 277 8.77 24.20 -9.92
N PHE B 278 9.80 23.38 -10.07
CA PHE B 278 10.73 23.36 -8.94
C PHE B 278 12.06 22.83 -9.41
N SER B 279 13.11 23.33 -8.77
CA SER B 279 14.48 22.91 -9.07
C SER B 279 15.13 22.80 -7.70
N LEU B 280 15.27 21.57 -7.23
CA LEU B 280 15.65 21.29 -5.86
C LEU B 280 16.88 20.39 -5.82
N GLU B 281 17.72 20.60 -4.82
CA GLU B 281 18.82 19.68 -4.58
C GLU B 281 18.83 19.28 -3.12
N THR B 282 19.25 18.05 -2.87
CA THR B 282 19.37 17.54 -1.51
C THR B 282 20.66 16.73 -1.42
N GLU B 283 21.42 16.93 -0.35
CA GLU B 283 22.53 16.04 -0.04
C GLU B 283 22.21 15.31 1.24
N VAL B 284 22.33 13.99 1.21
CA VAL B 284 21.98 13.15 2.35
C VAL B 284 23.23 12.48 2.88
N ASP B 285 23.50 12.63 4.17
CA ASP B 285 24.49 11.77 4.81
C ASP B 285 23.77 10.46 5.11
N LEU B 286 24.19 9.37 4.46
CA LEU B 286 23.40 8.15 4.51
C LEU B 286 23.58 7.36 5.80
N ARG B 287 24.45 7.79 6.72
CA ARG B 287 24.76 6.95 7.89
C ARG B 287 23.52 6.67 8.73
N LYS B 288 22.84 7.70 9.20
CA LYS B 288 21.73 7.44 10.12
C LYS B 288 20.57 6.70 9.44
N PRO B 289 20.21 7.06 8.20
CA PRO B 289 19.19 6.24 7.52
C PRO B 289 19.59 4.77 7.41
N LEU B 290 20.83 4.48 7.00
CA LEU B 290 21.25 3.08 6.85
C LEU B 290 21.35 2.37 8.19
N GLU B 291 21.85 3.05 9.23
CA GLU B 291 21.82 2.44 10.56
C GLU B 291 20.41 2.09 10.99
N ASN B 292 19.45 2.98 10.69
CA ASN B 292 18.06 2.68 11.10
C ASN B 292 17.50 1.45 10.37
N LEU B 293 18.08 1.08 9.24
CA LEU B 293 17.71 -0.12 8.52
C LEU B 293 18.52 -1.33 8.92
N GLY B 294 19.37 -1.20 9.94
CA GLY B 294 20.09 -2.35 10.46
C GLY B 294 21.55 -2.43 10.07
N MET B 295 22.06 -1.47 9.30
CA MET B 295 23.44 -1.52 8.81
C MET B 295 24.32 -0.66 9.71
N THR B 296 24.57 -1.19 10.91
CA THR B 296 25.37 -0.44 11.86
C THR B 296 26.85 -0.78 11.80
N ASP B 297 27.21 -2.04 11.51
CA ASP B 297 28.62 -2.44 11.62
C ASP B 297 29.51 -1.64 10.68
N MET B 298 29.01 -1.30 9.49
CA MET B 298 29.89 -0.77 8.45
C MET B 298 30.47 0.58 8.82
N PHE B 299 29.87 1.28 9.78
CA PHE B 299 30.29 2.63 10.15
C PHE B 299 31.18 2.68 11.38
N ARG B 300 31.55 1.52 11.93
CA ARG B 300 32.15 1.45 13.26
C ARG B 300 33.51 0.75 13.21
N PRO B 301 34.60 1.45 13.57
CA PRO B 301 35.94 0.87 13.43
C PRO B 301 36.08 -0.48 14.10
N PHE B 302 35.51 -0.66 15.28
CA PHE B 302 35.59 -1.98 15.90
C PHE B 302 34.95 -3.04 15.02
N GLN B 303 33.67 -2.84 14.69
CA GLN B 303 32.84 -3.93 14.21
C GLN B 303 32.95 -4.17 12.71
N ALA B 304 33.23 -3.14 11.92
CA ALA B 304 33.12 -3.27 10.48
C ALA B 304 34.02 -4.38 9.95
N ASP B 305 33.50 -5.12 8.96
CA ASP B 305 34.23 -6.19 8.29
C ASP B 305 34.23 -5.85 6.81
N PHE B 306 35.37 -5.36 6.32
CA PHE B 306 35.57 -5.04 4.93
C PHE B 306 36.69 -5.91 4.38
N THR B 307 36.74 -7.16 4.86
CA THR B 307 37.86 -8.04 4.55
C THR B 307 37.77 -8.68 3.17
N SER B 308 36.67 -8.48 2.43
CA SER B 308 36.69 -8.87 1.04
C SER B 308 37.48 -7.88 0.18
N LEU B 309 37.62 -6.63 0.65
CA LEU B 309 38.40 -5.59 0.00
C LEU B 309 39.84 -5.51 0.51
N SER B 310 40.02 -5.51 1.84
CA SER B 310 41.37 -5.41 2.39
C SER B 310 41.47 -6.12 3.72
N ASP B 311 42.64 -6.71 3.96
CA ASP B 311 42.94 -7.34 5.24
C ASP B 311 43.70 -6.41 6.19
N GLN B 312 43.62 -5.09 5.98
CA GLN B 312 44.09 -4.12 6.95
C GLN B 312 42.96 -3.80 7.92
N GLU B 313 43.20 -4.00 9.21
CA GLU B 313 42.20 -3.80 10.24
C GLU B 313 42.69 -2.75 11.22
N PRO B 314 41.83 -1.79 11.59
CA PRO B 314 40.46 -1.84 11.08
C PRO B 314 40.26 -1.10 9.76
N LEU B 315 39.04 -1.19 9.24
CA LEU B 315 38.64 -0.45 8.06
C LEU B 315 37.12 -0.29 8.16
N HIS B 316 36.61 0.93 8.04
CA HIS B 316 35.16 1.15 8.08
C HIS B 316 34.84 2.31 7.15
N VAL B 317 33.54 2.50 6.89
CA VAL B 317 33.09 3.57 6.01
C VAL B 317 33.14 4.89 6.79
N ALA B 318 33.98 5.83 6.33
CA ALA B 318 34.03 7.14 6.99
C ALA B 318 32.92 8.08 6.54
N LEU B 319 32.37 7.86 5.35
CA LEU B 319 31.49 8.85 4.74
C LEU B 319 30.67 8.15 3.66
N ALA B 320 29.35 8.28 3.74
CA ALA B 320 28.46 7.74 2.70
C ALA B 320 27.46 8.83 2.35
N LEU B 321 27.49 9.30 1.09
CA LEU B 321 26.71 10.46 0.68
C LEU B 321 25.89 10.15 -0.56
N GLN B 322 24.68 10.69 -0.61
CA GLN B 322 23.95 10.81 -1.88
C GLN B 322 23.66 12.28 -2.12
N LYS B 323 23.81 12.73 -3.37
CA LYS B 323 23.36 14.06 -3.71
C LYS B 323 22.53 13.97 -4.98
N VAL B 324 21.33 14.57 -4.93
CA VAL B 324 20.42 14.55 -6.07
C VAL B 324 20.01 15.98 -6.41
N LYS B 325 19.98 16.28 -7.71
CA LYS B 325 19.42 17.52 -8.23
C LYS B 325 18.27 17.14 -9.15
N ILE B 326 17.10 17.73 -8.94
CA ILE B 326 15.97 17.44 -9.85
C ILE B 326 15.34 18.76 -10.29
N GLU B 327 15.10 18.89 -11.59
CA GLU B 327 14.44 20.06 -12.15
C GLU B 327 13.12 19.62 -12.78
N VAL B 328 12.06 20.36 -12.48
CA VAL B 328 10.77 20.22 -13.14
C VAL B 328 10.44 21.59 -13.72
N ASN B 329 10.37 21.68 -15.04
CA ASN B 329 9.99 22.92 -15.70
C ASN B 329 9.11 22.57 -16.90
N GLU B 330 8.89 23.56 -17.78
CA GLU B 330 7.85 23.43 -18.79
C GLU B 330 8.18 22.38 -19.85
N SER B 331 9.44 22.19 -20.18
CA SER B 331 9.74 21.29 -21.28
C SER B 331 10.97 20.45 -21.07
N GLY B 332 11.78 20.70 -20.04
CA GLY B 332 13.06 20.06 -19.90
C GLY B 332 14.11 20.58 -20.84
N THR B 333 13.81 21.60 -21.65
CA THR B 333 14.75 22.16 -22.61
C THR B 333 14.95 23.65 -22.37
N VAL B 341 1.37 38.17 -27.17
CA VAL B 341 0.24 39.08 -27.03
C VAL B 341 -0.98 38.36 -26.44
N ILE B 342 -1.15 37.08 -26.78
CA ILE B 342 -2.28 36.31 -26.31
C ILE B 342 -1.79 35.03 -25.64
N VAL B 343 -2.66 34.49 -24.80
CA VAL B 343 -2.56 33.10 -24.35
C VAL B 343 -3.91 32.44 -24.62
N SER B 344 -3.90 31.39 -25.44
CA SER B 344 -5.10 30.66 -25.84
C SER B 344 -4.95 29.21 -25.43
N ALA B 345 -6.05 28.59 -25.03
CA ALA B 345 -6.04 27.21 -24.54
C ALA B 345 -7.40 26.58 -24.75
N ARG B 346 -7.41 25.25 -24.82
CA ARG B 346 -8.66 24.52 -24.75
C ARG B 346 -9.19 24.53 -23.33
N MET B 347 -10.50 24.63 -23.20
CA MET B 347 -11.12 24.57 -21.88
C MET B 347 -11.31 23.13 -21.44
N ALA B 348 -11.26 22.92 -20.14
CA ALA B 348 -11.57 21.61 -19.58
C ALA B 348 -12.65 21.75 -18.54
N PRO B 349 -13.35 20.65 -18.23
CA PRO B 349 -14.49 20.71 -17.31
C PRO B 349 -14.08 20.84 -15.85
N GLU B 350 -12.89 20.41 -15.47
CA GLU B 350 -12.43 20.49 -14.11
C GLU B 350 -10.94 20.83 -14.11
N GLU B 351 -10.45 21.33 -12.99
CA GLU B 351 -9.04 21.63 -12.87
C GLU B 351 -8.46 20.90 -11.68
N ILE B 352 -7.14 20.74 -11.73
CA ILE B 352 -6.36 20.17 -10.65
C ILE B 352 -5.24 21.15 -10.36
N ILE B 353 -5.24 21.72 -9.16
CA ILE B 353 -4.29 22.75 -8.75
C ILE B 353 -3.45 22.15 -7.64
N ILE B 354 -2.17 21.90 -7.92
CA ILE B 354 -1.24 21.37 -6.93
C ILE B 354 -0.65 22.58 -6.22
N ASP B 355 -1.30 23.01 -5.11
CA ASP B 355 -0.83 24.20 -4.41
C ASP B 355 -0.61 23.95 -2.93
N ARG B 356 -0.40 22.68 -2.54
CA ARG B 356 -0.08 22.23 -1.18
C ARG B 356 1.04 21.20 -1.28
N PRO B 357 1.70 20.87 -0.18
CA PRO B 357 2.79 19.88 -0.25
C PRO B 357 2.37 18.60 -0.93
N PHE B 358 3.28 18.02 -1.73
CA PHE B 358 2.95 16.82 -2.49
C PHE B 358 4.17 15.92 -2.54
N LEU B 359 3.91 14.65 -2.86
CA LEU B 359 4.94 13.65 -3.10
C LEU B 359 5.05 13.41 -4.60
N PHE B 360 6.27 13.16 -5.08
CA PHE B 360 6.44 12.75 -6.47
C PHE B 360 7.34 11.53 -6.52
N VAL B 361 7.14 10.73 -7.56
CA VAL B 361 7.98 9.58 -7.86
C VAL B 361 8.25 9.60 -9.36
N VAL B 362 9.51 9.36 -9.75
CA VAL B 362 9.84 9.20 -11.16
C VAL B 362 10.13 7.73 -11.40
N ARG B 363 9.41 7.15 -12.35
CA ARG B 363 9.44 5.71 -12.57
C ARG B 363 9.99 5.43 -13.96
N HIS B 364 10.90 4.46 -14.07
CA HIS B 364 11.27 3.89 -15.37
C HIS B 364 10.22 2.85 -15.76
N ASN B 365 9.41 3.17 -16.78
CA ASN B 365 8.20 2.37 -16.97
C ASN B 365 8.49 0.96 -17.49
N PRO B 366 9.48 0.74 -18.36
CA PRO B 366 9.77 -0.64 -18.79
C PRO B 366 10.07 -1.58 -17.64
N THR B 367 10.63 -1.10 -16.53
CA THR B 367 11.01 -1.99 -15.44
C THR B 367 10.28 -1.74 -14.13
N GLY B 368 9.57 -0.62 -13.98
CA GLY B 368 9.03 -0.27 -12.70
C GLY B 368 10.05 0.30 -11.74
N THR B 369 11.28 0.52 -12.17
CA THR B 369 12.30 1.03 -11.23
C THR B 369 11.91 2.41 -10.74
N VAL B 370 12.02 2.62 -9.43
CA VAL B 370 11.79 3.94 -8.84
C VAL B 370 13.11 4.68 -8.88
N LEU B 371 13.24 5.61 -9.85
CA LEU B 371 14.49 6.35 -10.02
C LEU B 371 14.63 7.49 -9.03
N PHE B 372 13.57 8.29 -8.87
CA PHE B 372 13.60 9.43 -7.95
C PHE B 372 12.31 9.52 -7.15
N MET B 373 12.41 10.11 -5.97
CA MET B 373 11.23 10.32 -5.16
C MET B 373 11.48 11.54 -4.30
N GLY B 374 10.42 12.26 -3.92
CA GLY B 374 10.66 13.44 -3.12
C GLY B 374 9.38 13.95 -2.50
N GLN B 375 9.54 14.75 -1.45
CA GLN B 375 8.41 15.52 -0.91
C GLN B 375 8.71 16.99 -1.16
N VAL B 376 7.78 17.66 -1.81
CA VAL B 376 7.90 19.08 -2.14
C VAL B 376 7.04 19.82 -1.12
N MET B 377 7.69 20.37 -0.10
CA MET B 377 7.00 21.13 0.94
C MET B 377 6.93 22.62 0.62
N GLU B 378 7.88 23.13 -0.19
CA GLU B 378 7.92 24.53 -0.58
C GLU B 378 8.77 24.70 -1.83
N PRO B 379 8.16 24.84 -3.01
CA PRO B 379 8.94 24.94 -4.25
C PRO B 379 9.79 26.20 -4.29
C10 RV2 C . 4.36 -21.63 8.76
C14 RV2 C . 4.73 -23.47 12.10
C02 RV2 C . 2.40 -22.95 7.82
C04 RV2 C . 3.42 -21.81 7.77
C05 RV2 C . 3.42 -20.97 6.68
C06 RV2 C . 4.33 -19.93 6.62
C08 RV2 C . 5.27 -19.74 7.63
C09 RV2 C . 5.29 -20.59 8.72
C12 RV2 C . 5.00 -22.40 11.09
C17 RV2 C . 5.34 -24.29 14.44
C18 RV2 C . 6.29 -24.21 15.43
C19 RV2 C . 6.22 -25.04 16.54
C20 RV2 C . 5.18 -25.94 16.64
C21 RV2 C . 4.21 -26.01 15.67
C22 RV2 C . 3.16 -26.91 15.85
C23 RV2 C . 1.99 -26.98 15.09
C24 RV2 C . 1.22 -27.99 15.65
C26 RV2 C . 3.03 -27.86 16.86
C27 RV2 C . 4.27 -25.18 14.56
N11 RV2 C . 4.28 -22.56 9.86
N16 RV2 C . 5.46 -23.36 13.34
O01 RV2 C . 1.65 -23.14 6.83
O03 RV2 C . 2.29 -23.71 8.84
O13 RV2 C . 5.77 -21.52 11.32
O15 RV2 C . 3.96 -24.33 11.83
O25 RV2 C . 1.87 -28.50 16.71
CL1 RV2 C . 4.24 -18.87 5.19
H051 RV2 C . 2.80 -21.08 6.00
H081 RV2 C . 5.87 -19.03 7.56
H091 RV2 C . 5.91 -20.48 9.40
H181 RV2 C . 6.99 -23.60 15.36
H191 RV2 C . 6.87 -24.99 17.20
H201 RV2 C . 5.14 -26.50 17.37
H231 RV2 C . 1.77 -26.45 14.37
H241 RV2 C . 0.38 -28.27 15.34
H261 RV2 C . 3.66 -28.02 17.52
H271 RV2 C . 3.61 -25.21 13.90
H111 RV2 C . 3.76 -23.25 9.77
H161 RV2 C . 6.02 -22.70 13.43
#